data_3TLY
#
_entry.id   3TLY
#
_cell.length_a   54.422
_cell.length_b   85.658
_cell.length_c   73.016
_cell.angle_alpha   90.000
_cell.angle_beta   101.240
_cell.angle_gamma   90.000
#
_symmetry.space_group_name_H-M   'P 1 21 1'
#
loop_
_entity.id
_entity.type
_entity.pdbx_description
1 polymer MccF
2 non-polymer 1,2-ETHANEDIOL
3 water water
#
_entity_poly.entity_id   1
_entity_poly.type   'polypeptide(L)'
_entity_poly.pdbx_seq_one_letter_code
;MGHHHHHHHHHHHHSSGHIDDDDKHMLEMIQSHPLLAAPLAVGDTIGFFSSSAPATVTAKNRFFRGVEFLQRKGFKLVSG
KLTGKTDFYRSGTIKERAQEFNELVYNPDITCIMSTIGGDNSNSLLPFLDYDAIIANPKIIIGYADTTALLAGIYAKTGL
ITFYGPALIPSFGEHPPLVDITYESFIKILTRKQSGIYTYTLPEKWSDESINWNENKILRPKKLYKNNCAFYGSGKVEGR
VIGGNLATLTGIWGSEWMPEIRNGDILFIEDSRASIATVERLFSMLKLNRVFDKVSAIILGKHELFDCAGSKRRPYEVLT
EVLDGKQIPVLDGFDCSHTHPMLTLPLGVKLAIDFDNKNISITEQYLSTEK
;
_entity_poly.pdbx_strand_id   A,B
#
loop_
_chem_comp.id
_chem_comp.type
_chem_comp.name
_chem_comp.formula
EDO non-polymer 1,2-ETHANEDIOL 'C2 H6 O2'
#
# COMPACT_ATOMS: atom_id res chain seq x y z
N PRO A 34 -8.00 26.96 -11.86
CA PRO A 34 -8.61 25.96 -10.98
C PRO A 34 -10.10 26.20 -10.76
N LEU A 35 -10.83 25.13 -10.50
CA LEU A 35 -12.25 25.22 -10.15
C LEU A 35 -12.38 25.48 -8.66
N LEU A 36 -13.09 26.56 -8.30
CA LEU A 36 -13.19 26.99 -6.90
C LEU A 36 -14.60 26.92 -6.36
N ALA A 37 -14.73 26.41 -5.14
CA ALA A 37 -16.00 26.39 -4.43
C ALA A 37 -16.26 27.75 -3.80
N ALA A 38 -17.52 28.03 -3.48
CA ALA A 38 -17.88 29.23 -2.74
C ALA A 38 -17.40 29.11 -1.29
N PRO A 39 -16.99 30.24 -0.68
CA PRO A 39 -16.54 30.21 0.71
C PRO A 39 -17.63 29.76 1.68
N LEU A 40 -17.21 29.16 2.78
CA LEU A 40 -18.11 28.78 3.86
C LEU A 40 -18.54 30.02 4.63
N ALA A 41 -19.76 29.98 5.17
CA ALA A 41 -20.26 31.02 6.07
C ALA A 41 -20.91 30.36 7.27
N VAL A 42 -20.76 30.96 8.44
CA VAL A 42 -21.46 30.48 9.63
C VAL A 42 -22.95 30.46 9.33
N GLY A 43 -23.61 29.35 9.66
CA GLY A 43 -25.03 29.18 9.35
C GLY A 43 -25.29 28.33 8.12
N ASP A 44 -24.22 28.05 7.37
CA ASP A 44 -24.32 27.17 6.20
C ASP A 44 -24.66 25.74 6.58
N THR A 45 -25.10 24.97 5.58
CA THR A 45 -25.38 23.55 5.75
C THR A 45 -24.18 22.70 5.36
N ILE A 46 -23.73 21.87 6.30
CA ILE A 46 -22.68 20.88 6.05
C ILE A 46 -23.30 19.49 5.95
N GLY A 47 -23.03 18.80 4.85
CA GLY A 47 -23.42 17.41 4.67
C GLY A 47 -22.26 16.49 4.99
N PHE A 48 -22.55 15.36 5.65
CA PHE A 48 -21.49 14.39 5.94
C PHE A 48 -21.74 12.99 5.37
N PHE A 49 -20.65 12.33 4.97
CA PHE A 49 -20.72 11.02 4.32
C PHE A 49 -19.71 10.07 4.94
N SER A 50 -19.99 8.77 4.84
CA SER A 50 -19.07 7.75 5.33
C SER A 50 -18.59 6.88 4.18
N SER A 51 -17.47 7.26 3.58
CA SER A 51 -16.95 6.57 2.39
C SER A 51 -16.17 5.29 2.70
N SER A 52 -15.96 5.01 3.98
CA SER A 52 -15.24 3.81 4.38
C SER A 52 -15.78 3.22 5.70
N ALA A 53 -15.08 3.45 6.79
CA ALA A 53 -15.45 2.87 8.09
C ALA A 53 -16.78 3.43 8.61
N PRO A 54 -17.64 2.56 9.16
CA PRO A 54 -18.96 2.97 9.65
C PRO A 54 -18.93 3.55 11.08
N ALA A 55 -18.11 4.59 11.28
CA ALA A 55 -17.86 5.12 12.63
C ALA A 55 -19.01 5.91 13.26
N THR A 56 -20.02 6.28 12.47
CA THR A 56 -21.25 6.86 13.06
C THR A 56 -21.95 5.82 13.95
N VAL A 57 -21.61 4.55 13.74
CA VAL A 57 -22.08 3.46 14.59
C VAL A 57 -21.00 3.05 15.60
N THR A 58 -19.80 2.75 15.12
CA THR A 58 -18.75 2.20 15.98
C THR A 58 -18.12 3.22 16.92
N ALA A 59 -18.24 4.50 16.58
CA ALA A 59 -17.77 5.59 17.44
C ALA A 59 -18.91 6.61 17.65
N LYS A 60 -20.07 6.11 18.04
CA LYS A 60 -21.29 6.91 18.13
C LYS A 60 -21.17 8.08 19.11
N ASN A 61 -20.52 7.84 20.26
CA ASN A 61 -20.32 8.90 21.25
C ASN A 61 -19.53 10.08 20.69
N ARG A 62 -18.41 9.77 20.04
CA ARG A 62 -17.55 10.77 19.44
C ARG A 62 -18.26 11.46 18.27
N PHE A 63 -19.00 10.68 17.49
CA PHE A 63 -19.83 11.19 16.40
C PHE A 63 -20.82 12.26 16.91
N PHE A 64 -21.53 11.95 17.99
CA PHE A 64 -22.49 12.89 18.58
C PHE A 64 -21.82 14.16 19.11
N ARG A 65 -20.62 14.00 19.69
CA ARG A 65 -19.84 15.14 20.16
C ARG A 65 -19.49 16.06 18.99
N GLY A 66 -19.14 15.46 17.85
CA GLY A 66 -18.81 16.22 16.64
C GLY A 66 -20.01 16.96 16.07
N VAL A 67 -21.14 16.26 16.01
CA VAL A 67 -22.40 16.84 15.55
C VAL A 67 -22.79 18.04 16.42
N GLU A 68 -22.77 17.85 17.74
CA GLU A 68 -23.15 18.91 18.67
C GLU A 68 -22.19 20.09 18.62
N PHE A 69 -20.90 19.80 18.43
CA PHE A 69 -19.89 20.85 18.34
C PHE A 69 -20.21 21.81 17.19
N LEU A 70 -20.41 21.25 16.00
CA LEU A 70 -20.66 22.07 14.81
C LEU A 70 -22.02 22.77 14.83
N GLN A 71 -23.02 22.10 15.40
CA GLN A 71 -24.35 22.71 15.54
C GLN A 71 -24.31 23.92 16.46
N ARG A 72 -23.54 23.82 17.54
CA ARG A 72 -23.40 24.94 18.47
C ARG A 72 -22.68 26.13 17.85
N LYS A 73 -21.84 25.87 16.86
CA LYS A 73 -21.19 26.94 16.08
C LYS A 73 -22.17 27.63 15.13
N GLY A 74 -23.35 27.04 14.96
CA GLY A 74 -24.39 27.64 14.13
C GLY A 74 -24.64 26.94 12.81
N PHE A 75 -23.93 25.84 12.56
CA PHE A 75 -24.09 25.11 11.30
C PHE A 75 -25.28 24.16 11.34
N LYS A 76 -25.94 24.02 10.19
CA LYS A 76 -26.95 23.00 10.01
C LYS A 76 -26.26 21.78 9.42
N LEU A 77 -26.66 20.60 9.87
CA LEU A 77 -26.05 19.36 9.40
C LEU A 77 -27.04 18.45 8.69
N VAL A 78 -26.63 17.95 7.54
CA VAL A 78 -27.38 16.94 6.80
C VAL A 78 -26.61 15.63 6.86
N SER A 79 -27.27 14.59 7.39
CA SER A 79 -26.66 13.28 7.50
C SER A 79 -26.76 12.50 6.20
N GLY A 80 -25.63 12.01 5.71
CA GLY A 80 -25.61 11.13 4.54
C GLY A 80 -26.43 9.88 4.80
N LYS A 81 -26.96 9.30 3.73
CA LYS A 81 -27.91 8.18 3.83
C LYS A 81 -27.33 6.89 4.48
N LEU A 82 -26.01 6.81 4.61
CA LEU A 82 -25.39 5.65 5.24
C LEU A 82 -25.08 5.85 6.73
N THR A 83 -25.43 7.02 7.25
CA THR A 83 -25.29 7.29 8.68
C THR A 83 -26.11 6.27 9.46
N GLY A 84 -25.49 5.66 10.47
CA GLY A 84 -26.18 4.66 11.30
C GLY A 84 -26.23 3.26 10.70
N LYS A 85 -25.65 3.08 9.52
CA LYS A 85 -25.62 1.77 8.87
C LYS A 85 -24.26 1.09 9.05
N THR A 86 -24.26 -0.24 8.99
CA THR A 86 -23.01 -1.02 9.01
C THR A 86 -23.03 -2.15 8.00
N ASP A 87 -21.90 -2.34 7.32
CA ASP A 87 -21.64 -3.54 6.54
C ASP A 87 -20.30 -4.10 7.00
N PHE A 88 -20.25 -4.48 8.28
CA PHE A 88 -19.06 -5.01 8.92
C PHE A 88 -17.91 -3.99 8.93
N TYR A 89 -17.01 -4.06 7.95
CA TYR A 89 -15.82 -3.21 7.92
C TYR A 89 -16.06 -1.86 7.23
N ARG A 90 -17.25 -1.70 6.65
CA ARG A 90 -17.58 -0.52 5.86
C ARG A 90 -19.01 -0.09 6.10
N SER A 91 -19.35 1.10 5.59
CA SER A 91 -20.68 1.66 5.76
C SER A 91 -21.72 1.02 4.83
N GLY A 92 -21.26 0.48 3.71
CA GLY A 92 -22.14 -0.14 2.73
C GLY A 92 -21.40 -0.55 1.48
N THR A 93 -22.15 -0.99 0.46
CA THR A 93 -21.55 -1.41 -0.80
C THR A 93 -20.82 -0.25 -1.47
N ILE A 94 -19.95 -0.58 -2.42
CA ILE A 94 -19.25 0.43 -3.22
C ILE A 94 -20.25 1.40 -3.85
N LYS A 95 -21.26 0.85 -4.52
CA LYS A 95 -22.27 1.66 -5.21
C LYS A 95 -23.06 2.55 -4.25
N GLU A 96 -23.42 2.00 -3.10
CA GLU A 96 -24.17 2.75 -2.09
C GLU A 96 -23.37 3.91 -1.48
N ARG A 97 -22.08 3.69 -1.26
CA ARG A 97 -21.21 4.76 -0.76
C ARG A 97 -21.03 5.87 -1.77
N ALA A 98 -20.90 5.50 -3.05
CA ALA A 98 -20.83 6.49 -4.12
C ALA A 98 -22.11 7.30 -4.18
N GLN A 99 -23.26 6.62 -4.08
CA GLN A 99 -24.55 7.30 -4.08
C GLN A 99 -24.69 8.26 -2.90
N GLU A 100 -24.25 7.83 -1.71
CA GLU A 100 -24.32 8.69 -0.53
C GLU A 100 -23.60 10.03 -0.77
N PHE A 101 -22.41 9.95 -1.34
CA PHE A 101 -21.63 11.14 -1.67
C PHE A 101 -22.32 11.98 -2.74
N ASN A 102 -22.72 11.35 -3.84
CA ASN A 102 -23.36 12.04 -4.96
C ASN A 102 -24.61 12.79 -4.54
N GLU A 103 -25.40 12.18 -3.67
CA GLU A 103 -26.62 12.82 -3.16
C GLU A 103 -26.35 14.11 -2.39
N LEU A 104 -25.20 14.19 -1.73
CA LEU A 104 -24.80 15.44 -1.05
C LEU A 104 -24.41 16.51 -2.07
N VAL A 105 -23.78 16.08 -3.15
CA VAL A 105 -23.45 16.98 -4.26
C VAL A 105 -24.73 17.57 -4.89
N TYR A 106 -25.76 16.73 -5.04
CA TYR A 106 -27.01 17.16 -5.68
C TYR A 106 -27.85 18.11 -4.83
N ASN A 107 -27.63 18.09 -3.51
CA ASN A 107 -28.37 18.94 -2.57
C ASN A 107 -27.93 20.40 -2.68
N PRO A 108 -28.84 21.29 -3.15
CA PRO A 108 -28.45 22.69 -3.38
C PRO A 108 -28.20 23.48 -2.10
N ASP A 109 -28.67 22.96 -0.96
CA ASP A 109 -28.51 23.63 0.32
C ASP A 109 -27.13 23.45 0.95
N ILE A 110 -26.41 22.41 0.52
CA ILE A 110 -25.11 22.07 1.10
C ILE A 110 -23.96 22.86 0.48
N THR A 111 -23.20 23.54 1.32
CA THR A 111 -22.03 24.29 0.85
C THR A 111 -20.72 23.55 1.14
N CYS A 112 -20.78 22.62 2.08
CA CYS A 112 -19.60 21.87 2.51
C CYS A 112 -19.94 20.39 2.68
N ILE A 113 -19.15 19.54 2.03
CA ILE A 113 -19.31 18.09 2.11
C ILE A 113 -18.11 17.55 2.90
N MET A 114 -18.40 16.98 4.08
CA MET A 114 -17.36 16.61 5.03
C MET A 114 -17.38 15.11 5.34
N SER A 115 -16.21 14.49 5.29
CA SER A 115 -16.06 13.09 5.66
C SER A 115 -16.36 12.89 7.15
N THR A 116 -17.01 11.79 7.50
CA THR A 116 -17.20 11.43 8.91
C THR A 116 -15.90 10.87 9.49
N ILE A 117 -15.26 9.98 8.73
CA ILE A 117 -14.02 9.31 9.13
C ILE A 117 -13.43 8.61 7.89
N GLY A 118 -12.16 8.21 8.00
CA GLY A 118 -11.50 7.47 6.93
C GLY A 118 -11.73 5.97 7.03
N GLY A 119 -10.65 5.21 6.86
CA GLY A 119 -10.71 3.76 6.84
C GLY A 119 -9.72 3.23 5.83
N ASP A 120 -10.24 2.58 4.79
CA ASP A 120 -9.40 1.91 3.80
C ASP A 120 -9.98 1.92 2.39
N ASN A 121 -11.25 2.29 2.26
CA ASN A 121 -12.01 1.89 1.07
C ASN A 121 -12.61 2.96 0.16
N SER A 122 -12.26 4.23 0.37
CA SER A 122 -12.83 5.29 -0.45
CA SER A 122 -12.78 5.34 -0.44
C SER A 122 -12.41 5.21 -1.91
N ASN A 123 -11.24 4.63 -2.19
CA ASN A 123 -10.81 4.50 -3.59
C ASN A 123 -11.79 3.70 -4.46
N SER A 124 -12.54 2.80 -3.84
CA SER A 124 -13.55 2.00 -4.54
C SER A 124 -14.62 2.86 -5.23
N LEU A 125 -14.91 4.03 -4.67
CA LEU A 125 -16.01 4.89 -5.11
C LEU A 125 -15.71 5.62 -6.42
N LEU A 126 -14.43 5.72 -6.76
CA LEU A 126 -13.99 6.65 -7.80
C LEU A 126 -14.61 6.47 -9.19
N PRO A 127 -14.85 5.21 -9.64
CA PRO A 127 -15.50 5.07 -10.95
C PRO A 127 -16.96 5.56 -10.98
N PHE A 128 -17.54 5.77 -9.79
CA PHE A 128 -18.98 6.00 -9.67
C PHE A 128 -19.36 7.38 -9.13
N LEU A 129 -18.37 8.21 -8.80
CA LEU A 129 -18.63 9.59 -8.38
C LEU A 129 -19.15 10.41 -9.55
N ASP A 130 -20.06 11.34 -9.27
CA ASP A 130 -20.61 12.18 -10.32
C ASP A 130 -19.76 13.44 -10.49
N TYR A 131 -18.69 13.30 -11.27
CA TYR A 131 -17.73 14.39 -11.50
C TYR A 131 -18.34 15.55 -12.25
N ASP A 132 -19.24 15.26 -13.18
CA ASP A 132 -19.94 16.32 -13.93
C ASP A 132 -20.80 17.16 -12.99
N ALA A 133 -21.45 16.52 -12.03
CA ALA A 133 -22.25 17.23 -11.02
C ALA A 133 -21.39 18.10 -10.11
N ILE A 134 -20.19 17.61 -9.78
CA ILE A 134 -19.23 18.37 -8.98
C ILE A 134 -18.79 19.63 -9.73
N ILE A 135 -18.50 19.48 -11.02
CA ILE A 135 -18.15 20.61 -11.87
C ILE A 135 -19.29 21.64 -11.94
N ALA A 136 -20.52 21.13 -12.10
CA ALA A 136 -21.71 21.98 -12.21
C ALA A 136 -22.03 22.76 -10.94
N ASN A 137 -21.77 22.18 -9.78
CA ASN A 137 -21.94 22.89 -8.51
C ASN A 137 -20.79 22.63 -7.54
N PRO A 138 -19.68 23.37 -7.71
CA PRO A 138 -18.52 23.24 -6.84
C PRO A 138 -18.89 23.47 -5.39
N LYS A 139 -18.46 22.58 -4.51
CA LYS A 139 -18.67 22.71 -3.07
C LYS A 139 -17.35 22.44 -2.36
N ILE A 140 -17.25 22.86 -1.10
CA ILE A 140 -16.09 22.55 -0.27
C ILE A 140 -16.14 21.07 0.08
N ILE A 141 -15.12 20.33 -0.35
CA ILE A 141 -15.01 18.92 -0.01
C ILE A 141 -13.81 18.76 0.92
N ILE A 142 -14.05 18.21 2.09
CA ILE A 142 -13.04 18.19 3.14
C ILE A 142 -13.00 16.86 3.92
N GLY A 143 -11.78 16.45 4.25
CA GLY A 143 -11.54 15.24 5.03
C GLY A 143 -10.06 14.94 4.98
N TYR A 144 -9.66 13.79 5.47
CA TYR A 144 -8.26 13.38 5.39
C TYR A 144 -8.10 11.87 5.45
N ALA A 145 -6.84 11.42 5.52
CA ALA A 145 -6.50 10.00 5.62
C ALA A 145 -7.01 9.23 4.40
N ASP A 146 -7.78 8.18 4.61
CA ASP A 146 -8.33 7.41 3.49
C ASP A 146 -9.09 8.27 2.48
N THR A 147 -9.69 9.36 2.95
CA THR A 147 -10.50 10.23 2.09
C THR A 147 -9.64 10.96 1.04
N THR A 148 -8.31 10.91 1.23
CA THR A 148 -7.36 11.35 0.21
C THR A 148 -7.71 10.80 -1.18
N ALA A 149 -8.17 9.55 -1.25
CA ALA A 149 -8.52 8.94 -2.54
C ALA A 149 -9.60 9.73 -3.27
N LEU A 150 -10.54 10.29 -2.52
CA LEU A 150 -11.59 11.14 -3.08
C LEU A 150 -11.09 12.56 -3.35
N LEU A 151 -10.34 13.12 -2.40
CA LEU A 151 -9.78 14.46 -2.53
C LEU A 151 -8.88 14.59 -3.76
N ALA A 152 -8.00 13.61 -3.95
CA ALA A 152 -7.10 13.59 -5.11
C ALA A 152 -7.84 13.19 -6.39
N GLY A 153 -8.71 12.18 -6.29
CA GLY A 153 -9.51 11.72 -7.43
C GLY A 153 -10.38 12.81 -8.03
N ILE A 154 -11.11 13.53 -7.17
CA ILE A 154 -11.95 14.64 -7.61
C ILE A 154 -11.12 15.74 -8.26
N TYR A 155 -9.98 16.09 -7.66
CA TYR A 155 -9.09 17.08 -8.25
C TYR A 155 -8.63 16.64 -9.64
N ALA A 156 -8.20 15.37 -9.76
CA ALA A 156 -7.74 14.82 -11.03
C ALA A 156 -8.78 14.94 -12.13
N LYS A 157 -10.04 14.69 -11.79
CA LYS A 157 -11.13 14.66 -12.77
C LYS A 157 -11.77 16.03 -13.07
N THR A 158 -11.70 16.96 -12.11
CA THR A 158 -12.48 18.20 -12.19
C THR A 158 -11.66 19.48 -12.04
N GLY A 159 -10.48 19.36 -11.43
CA GLY A 159 -9.67 20.53 -11.11
C GLY A 159 -10.17 21.29 -9.90
N LEU A 160 -11.15 20.75 -9.20
CA LEU A 160 -11.68 21.38 -7.99
C LEU A 160 -10.65 21.39 -6.88
N ILE A 161 -10.48 22.56 -6.27
CA ILE A 161 -9.62 22.69 -5.10
C ILE A 161 -10.38 22.14 -3.91
N THR A 162 -9.91 21.01 -3.41
CA THR A 162 -10.49 20.34 -2.26
C THR A 162 -9.58 20.54 -1.05
N PHE A 163 -9.98 20.03 0.10
CA PHE A 163 -9.31 20.40 1.33
C PHE A 163 -8.89 19.21 2.17
N TYR A 164 -7.60 19.15 2.49
CA TYR A 164 -7.11 18.23 3.50
C TYR A 164 -7.34 18.89 4.84
N GLY A 165 -8.32 18.36 5.56
CA GLY A 165 -8.71 18.97 6.82
C GLY A 165 -9.64 18.07 7.61
N PRO A 166 -10.31 18.65 8.61
CA PRO A 166 -11.18 17.97 9.57
C PRO A 166 -12.21 16.99 8.98
N ALA A 167 -12.27 15.81 9.61
CA ALA A 167 -13.37 14.88 9.43
C ALA A 167 -14.21 14.97 10.69
N LEU A 168 -15.52 14.81 10.55
CA LEU A 168 -16.46 15.09 11.63
C LEU A 168 -16.14 14.35 12.92
N ILE A 169 -15.90 13.04 12.82
CA ILE A 169 -15.71 12.21 14.02
C ILE A 169 -14.33 12.39 14.68
N PRO A 170 -13.22 12.12 13.96
CA PRO A 170 -11.93 12.26 14.65
C PRO A 170 -11.56 13.71 15.00
N SER A 171 -11.89 14.64 14.12
CA SER A 171 -11.46 16.03 14.31
C SER A 171 -12.37 16.85 15.21
N PHE A 172 -13.67 16.80 14.97
CA PHE A 172 -14.61 17.63 15.74
C PHE A 172 -15.22 16.91 16.94
N GLY A 173 -14.97 15.60 17.04
CA GLY A 173 -15.37 14.83 18.22
C GLY A 173 -14.29 14.86 19.28
N GLU A 174 -13.15 15.44 18.93
CA GLU A 174 -12.05 15.66 19.87
C GLU A 174 -12.50 16.58 21.01
N HIS A 175 -12.06 16.27 22.24
CA HIS A 175 -12.37 17.13 23.37
C HIS A 175 -11.59 18.44 23.32
N PRO A 176 -12.16 19.52 23.90
CA PRO A 176 -11.36 20.72 24.15
C PRO A 176 -10.17 20.35 25.04
N PRO A 177 -9.05 21.09 24.94
CA PRO A 177 -8.88 22.34 24.19
C PRO A 177 -8.46 22.16 22.73
N LEU A 178 -8.01 20.97 22.35
CA LEU A 178 -7.40 20.77 21.03
C LEU A 178 -8.39 20.97 19.87
N VAL A 179 -9.65 20.58 20.07
CA VAL A 179 -10.70 20.77 19.05
C VAL A 179 -10.90 22.24 18.68
N ASP A 180 -10.70 23.13 19.65
CA ASP A 180 -10.89 24.57 19.43
C ASP A 180 -9.86 25.12 18.46
N ILE A 181 -8.63 24.61 18.54
CA ILE A 181 -7.56 25.03 17.64
C ILE A 181 -7.80 24.50 16.22
N THR A 182 -8.22 23.23 16.14
CA THR A 182 -8.68 22.65 14.87
C THR A 182 -9.76 23.50 14.23
N TYR A 183 -10.77 23.86 15.02
CA TYR A 183 -11.89 24.64 14.51
C TYR A 183 -11.45 26.04 14.06
N GLU A 184 -10.58 26.66 14.85
CA GLU A 184 -10.05 27.99 14.50
C GLU A 184 -9.43 28.02 13.11
N SER A 185 -8.67 26.97 12.76
CA SER A 185 -8.06 26.87 11.42
C SER A 185 -9.12 26.65 10.36
N PHE A 186 -9.98 25.64 10.59
CA PHE A 186 -11.09 25.31 9.71
C PHE A 186 -11.89 26.55 9.32
N ILE A 187 -12.35 27.30 10.32
CA ILE A 187 -13.18 28.47 10.06
C ILE A 187 -12.40 29.62 9.41
N LYS A 188 -11.15 29.82 9.83
CA LYS A 188 -10.30 30.86 9.25
C LYS A 188 -10.05 30.60 7.77
N ILE A 189 -9.59 29.40 7.44
CA ILE A 189 -9.27 29.05 6.04
C ILE A 189 -10.49 29.18 5.13
N LEU A 190 -11.62 28.65 5.59
CA LEU A 190 -12.80 28.52 4.72
C LEU A 190 -13.70 29.76 4.65
N THR A 191 -13.53 30.71 5.57
CA THR A 191 -14.39 31.92 5.60
C THR A 191 -13.68 33.23 5.28
N ARG A 192 -12.35 33.25 5.38
CA ARG A 192 -11.57 34.48 5.17
C ARG A 192 -11.74 35.05 3.77
N LYS A 193 -11.58 36.36 3.65
CA LYS A 193 -11.57 37.01 2.35
C LYS A 193 -10.35 36.55 1.55
N GLN A 194 -10.55 36.35 0.25
CA GLN A 194 -9.48 35.89 -0.62
C GLN A 194 -8.64 37.07 -1.12
N SER A 195 -7.99 37.75 -0.18
CA SER A 195 -7.17 38.91 -0.49
C SER A 195 -5.81 38.78 0.20
N GLY A 196 -4.74 38.80 -0.60
CA GLY A 196 -3.39 38.61 -0.09
C GLY A 196 -3.13 37.18 0.34
N ILE A 197 -1.89 36.89 0.72
CA ILE A 197 -1.50 35.56 1.14
C ILE A 197 -2.06 35.25 2.54
N TYR A 198 -2.20 33.96 2.84
CA TYR A 198 -2.53 33.53 4.19
C TYR A 198 -1.36 32.78 4.80
N THR A 199 -0.85 33.29 5.93
CA THR A 199 0.26 32.64 6.62
C THR A 199 -0.26 31.85 7.82
N TYR A 200 0.02 30.55 7.84
CA TYR A 200 -0.42 29.68 8.92
C TYR A 200 0.16 30.06 10.27
N THR A 201 -0.67 29.94 11.31
CA THR A 201 -0.20 30.02 12.67
C THR A 201 0.20 28.61 13.11
N LEU A 202 1.23 28.54 13.95
CA LEU A 202 1.72 27.28 14.48
C LEU A 202 1.03 26.94 15.79
N PRO A 203 0.35 25.77 15.86
CA PRO A 203 -0.19 25.32 17.15
C PRO A 203 0.92 25.29 18.20
N GLU A 204 0.64 25.87 19.36
CA GLU A 204 1.63 25.95 20.44
C GLU A 204 1.95 24.57 20.98
N LYS A 205 0.91 23.76 21.14
CA LYS A 205 1.06 22.39 21.62
C LYS A 205 0.21 21.41 20.80
N TRP A 206 0.64 20.15 20.80
CA TRP A 206 -0.02 19.11 20.03
C TRP A 206 0.03 17.78 20.79
N SER A 207 -0.72 16.79 20.31
CA SER A 207 -0.70 15.45 20.89
C SER A 207 -1.04 14.39 19.87
N ASP A 208 -0.49 13.19 20.05
CA ASP A 208 -0.92 12.01 19.31
C ASP A 208 -1.36 10.87 20.24
N GLU A 209 -1.56 11.19 21.53
CA GLU A 209 -1.91 10.17 22.52
C GLU A 209 -3.25 9.51 22.21
N SER A 210 -3.25 8.17 22.23
CA SER A 210 -4.43 7.38 21.92
C SER A 210 -5.31 7.14 23.15
N ILE A 211 -5.90 8.23 23.63
CA ILE A 211 -6.88 8.18 24.73
C ILE A 211 -8.08 9.08 24.40
N ASN A 212 -9.15 8.94 25.17
CA ASN A 212 -10.37 9.74 25.01
C ASN A 212 -10.94 9.70 23.59
N TRP A 213 -11.00 8.50 23.03
CA TRP A 213 -11.54 8.33 21.68
C TRP A 213 -13.08 8.33 21.69
N ASN A 214 -13.67 7.23 22.15
CA ASN A 214 -15.13 7.06 22.11
C ASN A 214 -15.76 6.95 23.49
N GLU A 215 -14.97 7.15 24.54
CA GLU A 215 -15.48 7.19 25.91
C GLU A 215 -16.33 8.45 26.09
N ASN A 216 -17.34 8.36 26.97
CA ASN A 216 -18.21 9.49 27.23
C ASN A 216 -17.57 10.55 28.13
N LYS A 217 -16.66 10.13 29.00
CA LYS A 217 -15.97 11.05 29.89
C LYS A 217 -14.46 11.03 29.66
N ILE A 218 -13.81 12.13 30.08
CA ILE A 218 -12.39 12.37 29.77
C ILE A 218 -11.43 11.51 30.60
N LEU A 219 -11.58 11.55 31.92
CA LEU A 219 -10.66 10.86 32.86
C LEU A 219 -9.38 11.68 33.09
N ARG A 220 -8.69 12.01 32.00
CA ARG A 220 -7.57 12.96 32.04
C ARG A 220 -7.28 13.56 30.66
N PRO A 221 -6.81 14.82 30.61
CA PRO A 221 -6.46 15.44 29.33
C PRO A 221 -5.27 14.76 28.68
N LYS A 222 -5.19 14.83 27.35
CA LYS A 222 -4.07 14.26 26.61
C LYS A 222 -2.76 14.93 26.99
N LYS A 223 -1.68 14.15 26.97
CA LYS A 223 -0.33 14.68 27.16
C LYS A 223 -0.04 15.65 26.02
N LEU A 224 0.42 16.85 26.36
CA LEU A 224 0.70 17.88 25.36
C LEU A 224 2.20 18.08 25.13
N TYR A 225 2.58 18.13 23.86
CA TYR A 225 3.96 18.29 23.47
C TYR A 225 4.19 19.65 22.82
N LYS A 226 5.35 20.25 23.09
CA LYS A 226 5.74 21.48 22.43
C LYS A 226 5.90 21.20 20.94
N ASN A 227 5.50 22.17 20.12
CA ASN A 227 5.60 21.99 18.67
C ASN A 227 7.05 21.90 18.21
N ASN A 228 7.41 20.74 17.66
CA ASN A 228 8.78 20.47 17.23
C ASN A 228 8.95 20.49 15.71
N CYS A 229 8.05 21.20 15.04
CA CYS A 229 8.10 21.38 13.59
C CYS A 229 9.46 21.96 13.19
N ALA A 230 10.08 21.38 12.17
CA ALA A 230 11.40 21.83 11.72
C ALA A 230 11.42 22.20 10.24
N PHE A 231 12.16 23.25 9.92
CA PHE A 231 12.34 23.71 8.55
C PHE A 231 13.75 23.38 8.06
N TYR A 232 13.87 22.30 7.30
CA TYR A 232 15.16 21.86 6.77
C TYR A 232 15.39 22.43 5.38
N GLY A 233 16.17 23.50 5.32
CA GLY A 233 16.47 24.16 4.06
C GLY A 233 16.65 25.65 4.24
N SER A 234 16.81 26.36 3.13
CA SER A 234 16.97 27.81 3.16
C SER A 234 16.22 28.45 2.00
N GLY A 235 16.01 29.76 2.11
CA GLY A 235 15.31 30.52 1.08
C GLY A 235 13.82 30.29 1.12
N LYS A 236 13.15 30.65 0.03
CA LYS A 236 11.71 30.50 -0.08
C LYS A 236 11.37 29.64 -1.29
N VAL A 237 10.49 28.65 -1.09
CA VAL A 237 10.04 27.78 -2.15
C VAL A 237 8.54 27.98 -2.34
N GLU A 238 8.13 28.26 -3.57
CA GLU A 238 6.72 28.41 -3.91
C GLU A 238 6.32 27.47 -5.04
N GLY A 239 5.24 26.73 -4.83
CA GLY A 239 4.75 25.78 -5.82
C GLY A 239 3.41 25.18 -5.43
N ARG A 240 2.72 24.61 -6.43
CA ARG A 240 1.44 23.93 -6.23
C ARG A 240 1.59 22.77 -5.26
N VAL A 241 0.78 22.75 -4.20
CA VAL A 241 0.79 21.64 -3.25
C VAL A 241 -0.09 20.48 -3.75
N ILE A 242 0.43 19.27 -3.61
CA ILE A 242 -0.25 18.07 -4.06
C ILE A 242 0.08 16.92 -3.11
N GLY A 243 -0.90 16.07 -2.85
CA GLY A 243 -0.67 14.88 -2.02
C GLY A 243 -1.77 14.57 -1.04
N GLY A 244 -1.37 14.22 0.18
CA GLY A 244 -2.30 13.80 1.23
C GLY A 244 -1.74 12.61 1.97
N ASN A 245 -2.60 11.68 2.35
CA ASN A 245 -2.16 10.47 3.05
C ASN A 245 -1.44 9.54 2.07
N LEU A 246 -0.14 9.32 2.31
CA LEU A 246 0.71 8.58 1.37
C LEU A 246 0.29 7.13 1.19
N ALA A 247 0.02 6.45 2.31
CA ALA A 247 -0.48 5.08 2.26
C ALA A 247 -1.71 4.97 1.37
N THR A 248 -2.61 5.94 1.48
CA THR A 248 -3.86 5.96 0.73
C THR A 248 -3.62 6.20 -0.76
N LEU A 249 -2.61 7.00 -1.07
CA LEU A 249 -2.27 7.30 -2.46
C LEU A 249 -1.91 6.04 -3.26
N THR A 250 -1.43 5.00 -2.57
CA THR A 250 -1.10 3.74 -3.25
C THR A 250 -2.32 3.10 -3.89
N GLY A 251 -3.51 3.43 -3.39
CA GLY A 251 -4.76 2.86 -3.89
C GLY A 251 -5.27 3.48 -5.17
N ILE A 252 -4.71 4.64 -5.54
CA ILE A 252 -5.12 5.32 -6.78
C ILE A 252 -3.96 5.51 -7.74
N TRP A 253 -2.75 5.15 -7.28
CA TRP A 253 -1.51 5.38 -8.02
C TRP A 253 -1.53 4.73 -9.40
N GLY A 254 -1.00 5.44 -10.38
CA GLY A 254 -0.95 4.94 -11.75
C GLY A 254 -2.22 5.09 -12.55
N SER A 255 -3.33 5.42 -11.88
CA SER A 255 -4.64 5.55 -12.54
C SER A 255 -4.91 6.99 -12.95
N GLU A 256 -5.98 7.17 -13.72
CA GLU A 256 -6.42 8.50 -14.15
C GLU A 256 -6.91 9.37 -12.98
N TRP A 257 -7.08 8.75 -11.80
CA TRP A 257 -7.54 9.47 -10.61
C TRP A 257 -6.39 9.99 -9.74
N MET A 258 -5.16 9.60 -10.07
CA MET A 258 -4.00 10.17 -9.41
C MET A 258 -3.56 11.42 -10.17
N PRO A 259 -3.65 12.59 -9.51
CA PRO A 259 -3.21 13.81 -10.19
C PRO A 259 -1.73 13.72 -10.54
N GLU A 260 -1.38 14.14 -11.75
CA GLU A 260 0.01 14.13 -12.17
C GLU A 260 0.83 15.09 -11.30
N ILE A 261 1.92 14.59 -10.74
CA ILE A 261 2.88 15.44 -10.05
C ILE A 261 3.77 16.09 -11.11
N ARG A 262 3.90 17.41 -11.02
CA ARG A 262 4.59 18.21 -12.02
C ARG A 262 5.83 18.90 -11.45
N ASN A 263 6.77 19.21 -12.34
CA ASN A 263 7.94 20.00 -12.00
C ASN A 263 7.55 21.25 -11.20
N GLY A 264 8.13 21.38 -10.00
CA GLY A 264 7.87 22.56 -9.16
C GLY A 264 6.85 22.36 -8.06
N ASP A 265 6.15 21.22 -8.08
CA ASP A 265 5.15 20.92 -7.05
C ASP A 265 5.79 20.83 -5.67
N ILE A 266 5.03 21.19 -4.65
CA ILE A 266 5.38 20.89 -3.27
C ILE A 266 4.59 19.66 -2.87
N LEU A 267 5.30 18.59 -2.54
CA LEU A 267 4.64 17.35 -2.14
C LEU A 267 4.27 17.39 -0.67
N PHE A 268 2.98 17.23 -0.40
CA PHE A 268 2.50 17.12 0.98
C PHE A 268 2.12 15.67 1.24
N ILE A 269 2.74 15.09 2.27
CA ILE A 269 2.44 13.71 2.65
C ILE A 269 2.35 13.55 4.17
N GLU A 270 1.37 12.78 4.62
CA GLU A 270 1.28 12.39 6.02
C GLU A 270 0.88 10.92 6.12
N ASP A 271 1.28 10.28 7.21
CA ASP A 271 0.85 8.91 7.47
C ASP A 271 0.58 8.76 8.97
N SER A 272 -0.09 7.67 9.32
CA SER A 272 -0.52 7.42 10.70
C SER A 272 -0.21 6.00 11.15
N ARG A 273 0.36 5.90 12.35
CA ARG A 273 0.56 4.60 13.03
C ARG A 273 1.35 3.57 12.21
N ALA A 274 2.21 4.05 11.32
CA ALA A 274 2.96 3.16 10.45
C ALA A 274 4.27 2.76 11.10
N SER A 275 4.78 1.61 10.67
CA SER A 275 6.12 1.20 11.06
C SER A 275 7.13 1.94 10.20
N ILE A 276 8.37 2.01 10.70
CA ILE A 276 9.48 2.54 9.93
C ILE A 276 9.69 1.75 8.62
N ALA A 277 9.41 0.45 8.67
CA ALA A 277 9.50 -0.40 7.48
C ALA A 277 8.55 0.06 6.38
N THR A 278 7.31 0.37 6.77
CA THR A 278 6.29 0.86 5.85
C THR A 278 6.67 2.24 5.30
N VAL A 279 7.18 3.10 6.19
CA VAL A 279 7.61 4.45 5.80
C VAL A 279 8.73 4.41 4.76
N GLU A 280 9.73 3.54 4.97
CA GLU A 280 10.78 3.37 3.96
C GLU A 280 10.20 2.90 2.64
N ARG A 281 9.27 1.94 2.70
CA ARG A 281 8.65 1.40 1.50
C ARG A 281 7.94 2.48 0.69
N LEU A 282 7.19 3.34 1.39
CA LEU A 282 6.41 4.39 0.73
C LEU A 282 7.30 5.50 0.17
N PHE A 283 8.34 5.87 0.92
CA PHE A 283 9.32 6.85 0.41
C PHE A 283 10.05 6.32 -0.81
N SER A 284 10.43 5.04 -0.80
CA SER A 284 11.10 4.45 -1.95
C SER A 284 10.20 4.36 -3.16
N MET A 285 8.90 4.12 -2.92
CA MET A 285 7.91 4.12 -4.00
C MET A 285 7.96 5.45 -4.74
N LEU A 286 7.91 6.55 -3.99
CA LEU A 286 8.02 7.88 -4.57
C LEU A 286 9.31 8.07 -5.35
N LYS A 287 10.43 7.61 -4.78
CA LYS A 287 11.73 7.68 -5.46
C LYS A 287 11.71 6.94 -6.80
N LEU A 288 11.19 5.71 -6.79
CA LEU A 288 11.12 4.90 -8.02
C LEU A 288 10.29 5.59 -9.09
N ASN A 289 9.28 6.35 -8.65
CA ASN A 289 8.41 7.08 -9.56
C ASN A 289 8.93 8.43 -10.00
N ARG A 290 10.19 8.71 -9.66
CA ARG A 290 10.88 9.94 -10.05
C ARG A 290 10.26 11.20 -9.45
N VAL A 291 9.49 11.03 -8.38
CA VAL A 291 8.81 12.16 -7.73
C VAL A 291 9.83 13.16 -7.19
N PHE A 292 10.95 12.67 -6.67
CA PHE A 292 11.94 13.54 -6.04
C PHE A 292 12.80 14.31 -7.05
N ASP A 293 12.64 13.97 -8.33
CA ASP A 293 13.25 14.74 -9.43
C ASP A 293 12.38 15.95 -9.82
N LYS A 294 11.14 15.98 -9.32
CA LYS A 294 10.17 17.00 -9.74
C LYS A 294 9.83 18.03 -8.68
N VAL A 295 9.81 17.59 -7.42
CA VAL A 295 9.30 18.44 -6.34
C VAL A 295 10.29 19.51 -5.89
N SER A 296 9.75 20.68 -5.57
CA SER A 296 10.54 21.82 -5.11
C SER A 296 10.74 21.78 -3.60
N ALA A 297 9.84 21.08 -2.91
CA ALA A 297 9.89 20.93 -1.47
C ALA A 297 9.00 19.77 -1.05
N ILE A 298 9.20 19.29 0.17
CA ILE A 298 8.35 18.25 0.74
C ILE A 298 7.83 18.72 2.09
N ILE A 299 6.53 18.55 2.31
CA ILE A 299 5.94 18.76 3.62
C ILE A 299 5.59 17.41 4.22
N LEU A 300 6.18 17.11 5.38
CA LEU A 300 5.82 15.93 6.13
C LEU A 300 4.88 16.32 7.25
N GLY A 301 3.67 15.78 7.23
CA GLY A 301 2.73 15.96 8.34
C GLY A 301 3.25 15.20 9.54
N LYS A 302 2.92 15.67 10.74
CA LYS A 302 3.29 14.95 11.96
C LYS A 302 2.75 13.52 11.88
N HIS A 303 3.62 12.54 12.15
CA HIS A 303 3.24 11.14 12.05
C HIS A 303 2.69 10.64 13.39
N GLU A 304 1.39 10.33 13.43
CA GLU A 304 0.75 9.86 14.66
C GLU A 304 1.32 8.51 15.09
N LEU A 305 1.85 8.46 16.30
CA LEU A 305 2.36 7.23 16.91
C LEU A 305 3.22 6.37 15.97
N PHE A 306 4.24 7.02 15.40
CA PHE A 306 5.21 6.35 14.53
C PHE A 306 5.96 5.27 15.29
N ASP A 307 6.13 4.10 14.67
CA ASP A 307 6.84 2.97 15.27
C ASP A 307 8.21 2.81 14.62
N CYS A 308 9.25 3.25 15.34
CA CYS A 308 10.61 3.26 14.82
C CYS A 308 11.33 1.92 14.99
N ALA A 309 10.62 0.91 15.46
CA ALA A 309 11.18 -0.44 15.69
C ALA A 309 12.44 -0.43 16.55
N GLY A 310 12.53 0.54 17.46
CA GLY A 310 13.66 0.65 18.39
C GLY A 310 14.90 1.35 17.83
N SER A 311 14.83 1.79 16.58
CA SER A 311 15.94 2.46 15.91
C SER A 311 16.13 3.90 16.40
N LYS A 312 15.07 4.45 16.99
CA LYS A 312 15.01 5.86 17.42
C LYS A 312 15.07 6.82 16.23
N ARG A 313 14.95 6.28 15.02
CA ARG A 313 14.95 7.10 13.81
C ARG A 313 13.57 7.72 13.56
N ARG A 314 13.58 8.91 12.98
CA ARG A 314 12.36 9.60 12.61
C ARG A 314 12.15 9.46 11.10
N PRO A 315 10.92 9.70 10.61
CA PRO A 315 10.68 9.61 9.17
C PRO A 315 11.63 10.48 8.33
N TYR A 316 11.98 11.67 8.81
CA TYR A 316 12.90 12.54 8.08
C TYR A 316 14.25 11.86 7.78
N GLU A 317 14.78 11.14 8.76
CA GLU A 317 16.04 10.42 8.58
C GLU A 317 15.93 9.35 7.51
N VAL A 318 14.80 8.63 7.50
CA VAL A 318 14.54 7.61 6.50
C VAL A 318 14.43 8.26 5.11
N LEU A 319 13.73 9.38 5.05
CA LEU A 319 13.64 10.12 3.79
C LEU A 319 15.01 10.54 3.27
N THR A 320 15.86 11.00 4.18
CA THR A 320 17.22 11.42 3.81
C THR A 320 18.01 10.29 3.16
N GLU A 321 17.92 9.08 3.73
CA GLU A 321 18.59 7.92 3.14
C GLU A 321 18.07 7.63 1.74
N VAL A 322 16.74 7.59 1.61
CA VAL A 322 16.08 7.33 0.33
C VAL A 322 16.47 8.35 -0.74
N LEU A 323 16.56 9.62 -0.35
CA LEU A 323 16.88 10.71 -1.27
C LEU A 323 18.28 10.59 -1.89
N ASP A 324 19.17 9.89 -1.20
CA ASP A 324 20.50 9.57 -1.72
C ASP A 324 21.23 10.82 -2.24
N GLY A 325 21.25 11.87 -1.41
CA GLY A 325 21.97 13.10 -1.71
C GLY A 325 21.15 14.24 -2.31
N LYS A 326 19.95 13.93 -2.81
CA LYS A 326 19.05 14.95 -3.35
C LYS A 326 18.73 16.03 -2.32
N GLN A 327 19.03 17.28 -2.66
CA GLN A 327 18.86 18.41 -1.74
C GLN A 327 17.47 19.03 -1.84
N ILE A 328 16.48 18.32 -1.33
CA ILE A 328 15.10 18.83 -1.30
C ILE A 328 14.80 19.40 0.08
N PRO A 329 14.41 20.69 0.13
CA PRO A 329 14.06 21.26 1.43
C PRO A 329 12.77 20.65 1.98
N VAL A 330 12.75 20.40 3.28
CA VAL A 330 11.65 19.67 3.90
C VAL A 330 11.09 20.43 5.09
N LEU A 331 9.77 20.62 5.10
CA LEU A 331 9.09 21.08 6.29
C LEU A 331 8.64 19.83 7.04
N ASP A 332 9.32 19.53 8.14
CA ASP A 332 9.05 18.32 8.91
C ASP A 332 8.17 18.61 10.12
N GLY A 333 6.97 18.05 10.12
CA GLY A 333 6.07 18.14 11.26
C GLY A 333 4.99 19.19 11.14
N PHE A 334 4.49 19.39 9.92
CA PHE A 334 3.35 20.28 9.70
C PHE A 334 2.11 19.69 10.38
N ASP A 335 1.34 20.57 11.02
CA ASP A 335 0.16 20.14 11.77
C ASP A 335 -1.09 19.98 10.88
N CYS A 336 -0.98 19.05 9.93
CA CYS A 336 -2.08 18.70 9.04
C CYS A 336 -2.00 17.22 8.78
N SER A 337 -2.50 16.43 9.74
CA SER A 337 -2.32 15.00 9.76
C SER A 337 -3.28 14.37 10.78
N HIS A 338 -2.91 13.22 11.33
CA HIS A 338 -3.73 12.53 12.34
C HIS A 338 -3.52 13.04 13.76
N THR A 339 -2.49 13.86 13.96
CA THR A 339 -2.25 14.47 15.26
C THR A 339 -3.23 15.63 15.52
N HIS A 340 -3.42 15.95 16.79
CA HIS A 340 -4.28 17.07 17.19
C HIS A 340 -3.44 18.21 17.76
N PRO A 341 -3.79 19.47 17.43
CA PRO A 341 -4.88 19.89 16.54
C PRO A 341 -4.49 19.76 15.07
N MET A 342 -5.48 19.96 14.20
CA MET A 342 -5.28 19.80 12.77
C MET A 342 -5.64 21.09 12.04
N LEU A 343 -4.74 21.54 11.17
CA LEU A 343 -4.99 22.69 10.32
C LEU A 343 -5.66 22.24 9.03
N THR A 344 -6.32 23.19 8.37
CA THR A 344 -6.99 22.95 7.09
C THR A 344 -6.12 23.44 5.93
N LEU A 345 -5.92 22.57 4.95
CA LEU A 345 -5.02 22.84 3.83
C LEU A 345 -5.71 22.64 2.47
N PRO A 346 -5.77 23.71 1.65
CA PRO A 346 -6.25 23.50 0.28
C PRO A 346 -5.23 22.74 -0.54
N LEU A 347 -5.69 21.81 -1.37
CA LEU A 347 -4.82 21.02 -2.23
C LEU A 347 -4.99 21.47 -3.68
N GLY A 348 -3.87 21.64 -4.37
CA GLY A 348 -3.90 21.99 -5.79
C GLY A 348 -3.66 23.46 -6.08
N VAL A 349 -3.35 24.22 -5.04
CA VAL A 349 -2.99 25.64 -5.18
C VAL A 349 -1.58 25.91 -4.67
N LYS A 350 -1.01 27.04 -5.06
CA LYS A 350 0.35 27.39 -4.65
C LYS A 350 0.46 27.70 -3.17
N LEU A 351 1.49 27.13 -2.55
CA LEU A 351 1.93 27.53 -1.23
C LEU A 351 3.33 28.10 -1.33
N ALA A 352 3.71 28.90 -0.35
CA ALA A 352 5.09 29.36 -0.23
C ALA A 352 5.61 28.99 1.14
N ILE A 353 6.69 28.21 1.16
CA ILE A 353 7.36 27.88 2.40
C ILE A 353 8.63 28.73 2.50
N ASP A 354 8.69 29.57 3.53
CA ASP A 354 9.88 30.36 3.80
C ASP A 354 10.70 29.64 4.86
N PHE A 355 11.78 29.00 4.42
CA PHE A 355 12.62 28.19 5.30
C PHE A 355 13.50 29.04 6.23
N ASP A 356 13.79 30.27 5.80
CA ASP A 356 14.58 31.19 6.60
C ASP A 356 13.76 31.80 7.73
N ASN A 357 12.52 32.18 7.42
CA ASN A 357 11.63 32.77 8.41
C ASN A 357 10.73 31.74 9.10
N LYS A 358 10.86 30.48 8.69
CA LYS A 358 10.16 29.36 9.32
C LYS A 358 8.63 29.56 9.31
N ASN A 359 8.08 29.83 8.13
CA ASN A 359 6.64 29.88 7.97
C ASN A 359 6.14 29.29 6.65
N ILE A 360 4.82 29.10 6.58
CA ILE A 360 4.18 28.52 5.40
C ILE A 360 2.89 29.28 5.09
N SER A 361 2.71 29.63 3.81
CA SER A 361 1.60 30.47 3.40
C SER A 361 0.87 29.92 2.18
N ILE A 362 -0.43 30.19 2.10
CA ILE A 362 -1.20 29.97 0.87
C ILE A 362 -1.09 31.24 0.05
N THR A 363 -0.66 31.10 -1.21
CA THR A 363 -0.41 32.29 -2.04
C THR A 363 -1.34 32.39 -3.25
N GLU A 364 -2.17 31.37 -3.46
CA GLU A 364 -3.10 31.34 -4.59
C GLU A 364 -4.54 31.24 -4.10
N GLN A 365 -5.43 31.98 -4.75
CA GLN A 365 -6.87 31.93 -4.45
C GLN A 365 -7.39 30.50 -4.50
N TYR A 366 -8.14 30.10 -3.47
CA TYR A 366 -8.59 28.72 -3.33
C TYR A 366 -10.09 28.57 -3.10
N LEU A 367 -10.77 29.70 -2.94
CA LEU A 367 -12.23 29.76 -2.89
C LEU A 367 -12.71 30.91 -3.75
N SER A 368 -13.93 30.80 -4.27
CA SER A 368 -14.49 31.78 -5.20
C SER A 368 -14.71 33.15 -4.55
N PRO B 34 12.05 -14.00 -24.15
CA PRO B 34 12.58 -13.60 -22.84
C PRO B 34 13.99 -14.11 -22.57
N LEU B 35 14.66 -13.50 -21.59
CA LEU B 35 15.98 -13.93 -21.15
C LEU B 35 15.83 -15.09 -20.17
N LEU B 36 16.53 -16.19 -20.43
CA LEU B 36 16.39 -17.40 -19.63
C LEU B 36 17.67 -17.77 -18.88
N ALA B 37 17.49 -18.19 -17.63
CA ALA B 37 18.59 -18.69 -16.81
C ALA B 37 18.87 -20.16 -17.11
N ALA B 38 20.08 -20.61 -16.79
CA ALA B 38 20.42 -22.01 -16.84
C ALA B 38 19.57 -22.79 -15.82
N PRO B 39 19.16 -24.02 -16.16
CA PRO B 39 18.35 -24.81 -15.23
C PRO B 39 19.14 -25.24 -13.99
N LEU B 40 18.41 -25.55 -12.93
CA LEU B 40 19.01 -26.08 -11.71
C LEU B 40 19.35 -27.55 -11.86
N ALA B 41 20.32 -28.01 -11.08
CA ALA B 41 20.69 -29.42 -11.03
C ALA B 41 21.10 -29.79 -9.62
N VAL B 42 20.83 -31.03 -9.24
CA VAL B 42 21.28 -31.57 -7.96
C VAL B 42 22.79 -31.30 -7.80
N GLY B 43 23.17 -30.74 -6.66
CA GLY B 43 24.57 -30.42 -6.37
C GLY B 43 25.00 -29.02 -6.73
N ASP B 44 24.08 -28.24 -7.32
CA ASP B 44 24.35 -26.83 -7.63
C ASP B 44 24.55 -25.98 -6.38
N THR B 45 25.06 -24.77 -6.60
CA THR B 45 25.27 -23.80 -5.53
C THR B 45 24.15 -22.77 -5.51
N ILE B 46 23.52 -22.64 -4.36
CA ILE B 46 22.48 -21.65 -4.13
C ILE B 46 23.01 -20.54 -3.23
N GLY B 47 22.93 -19.30 -3.69
CA GLY B 47 23.26 -18.14 -2.87
C GLY B 47 22.00 -17.56 -2.27
N PHE B 48 22.06 -17.11 -1.02
CA PHE B 48 20.91 -16.45 -0.40
C PHE B 48 21.17 -15.04 0.10
N PHE B 49 20.15 -14.20 0.03
CA PHE B 49 20.26 -12.79 0.39
C PHE B 49 19.07 -12.38 1.25
N SER B 50 19.26 -11.34 2.05
CA SER B 50 18.19 -10.77 2.87
C SER B 50 17.92 -9.34 2.43
N SER B 51 16.94 -9.15 1.55
CA SER B 51 16.65 -7.83 0.99
C SER B 51 15.72 -6.99 1.88
N SER B 52 15.24 -7.57 2.97
CA SER B 52 14.39 -6.84 3.90
C SER B 52 14.61 -7.26 5.34
N ALA B 53 13.69 -8.06 5.89
CA ALA B 53 13.75 -8.47 7.30
C ALA B 53 14.98 -9.33 7.60
N PRO B 54 15.64 -9.08 8.74
CA PRO B 54 16.87 -9.79 9.10
C PRO B 54 16.60 -11.14 9.77
N ALA B 55 15.85 -12.02 9.10
CA ALA B 55 15.38 -13.25 9.71
C ALA B 55 16.45 -14.33 9.94
N THR B 56 17.64 -14.17 9.34
CA THR B 56 18.75 -15.08 9.65
C THR B 56 19.15 -14.91 11.12
N VAL B 57 18.82 -13.76 11.69
CA VAL B 57 19.00 -13.48 13.11
C VAL B 57 17.70 -13.72 13.90
N THR B 58 16.61 -13.12 13.44
CA THR B 58 15.35 -13.14 14.22
C THR B 58 14.56 -14.44 14.13
N ALA B 59 14.89 -15.28 13.15
CA ALA B 59 14.30 -16.62 13.02
C ALA B 59 15.43 -17.62 12.77
N LYS B 60 16.46 -17.54 13.60
CA LYS B 60 17.69 -18.30 13.41
C LYS B 60 17.50 -19.81 13.42
N ASN B 61 16.60 -20.31 14.27
CA ASN B 61 16.34 -21.75 14.34
C ASN B 61 15.72 -22.26 13.03
N ARG B 62 14.71 -21.55 12.55
CA ARG B 62 14.07 -21.90 11.27
C ARG B 62 15.07 -21.78 10.12
N PHE B 63 15.87 -20.73 10.16
CA PHE B 63 16.93 -20.50 9.17
C PHE B 63 17.89 -21.70 9.13
N PHE B 64 18.36 -22.14 10.29
CA PHE B 64 19.25 -23.29 10.37
C PHE B 64 18.60 -24.57 9.85
N ARG B 65 17.31 -24.75 10.13
CA ARG B 65 16.56 -25.91 9.65
C ARG B 65 16.48 -25.90 8.12
N GLY B 66 16.21 -24.72 7.55
CA GLY B 66 16.16 -24.56 6.09
C GLY B 66 17.49 -24.83 5.41
N VAL B 67 18.57 -24.31 6.00
CA VAL B 67 19.93 -24.54 5.50
C VAL B 67 20.23 -26.04 5.47
N GLU B 68 20.00 -26.71 6.59
CA GLU B 68 20.24 -28.15 6.71
C GLU B 68 19.40 -28.94 5.70
N PHE B 69 18.14 -28.53 5.53
CA PHE B 69 17.24 -29.19 4.60
C PHE B 69 17.82 -29.20 3.18
N LEU B 70 18.25 -28.04 2.70
CA LEU B 70 18.79 -27.94 1.34
C LEU B 70 20.15 -28.61 1.20
N GLN B 71 20.97 -28.51 2.25
CA GLN B 71 22.27 -29.18 2.26
C GLN B 71 22.13 -30.70 2.18
N ARG B 72 21.15 -31.26 2.89
CA ARG B 72 20.88 -32.70 2.84
C ARG B 72 20.37 -33.15 1.46
N LYS B 73 19.81 -32.22 0.69
CA LYS B 73 19.38 -32.49 -0.68
C LYS B 73 20.56 -32.45 -1.65
N GLY B 74 21.72 -32.02 -1.15
CA GLY B 74 22.95 -32.02 -1.94
C GLY B 74 23.41 -30.66 -2.43
N PHE B 75 22.65 -29.62 -2.10
CA PHE B 75 23.00 -28.26 -2.53
C PHE B 75 24.12 -27.65 -1.70
N LYS B 76 24.99 -26.90 -2.36
CA LYS B 76 26.00 -26.11 -1.68
C LYS B 76 25.42 -24.71 -1.50
N LEU B 77 25.64 -24.12 -0.33
CA LEU B 77 25.07 -22.82 -0.02
C LEU B 77 26.11 -21.74 0.17
N VAL B 78 25.83 -20.57 -0.41
CA VAL B 78 26.64 -19.37 -0.22
C VAL B 78 25.81 -18.35 0.54
N SER B 79 26.29 -17.96 1.72
CA SER B 79 25.63 -16.97 2.55
C SER B 79 25.90 -15.57 2.03
N GLY B 80 24.82 -14.80 1.82
CA GLY B 80 24.96 -13.38 1.47
C GLY B 80 25.64 -12.61 2.59
N LYS B 81 26.30 -11.51 2.23
CA LYS B 81 27.14 -10.75 3.16
C LYS B 81 26.40 -10.16 4.38
N LEU B 82 25.07 -10.09 4.31
CA LEU B 82 24.29 -9.54 5.42
C LEU B 82 23.72 -10.60 6.35
N THR B 83 24.02 -11.87 6.07
CA THR B 83 23.62 -12.97 6.95
C THR B 83 24.19 -12.73 8.35
N GLY B 84 23.33 -12.87 9.37
CA GLY B 84 23.73 -12.68 10.75
C GLY B 84 23.81 -11.23 11.21
N LYS B 85 23.39 -10.31 10.35
CA LYS B 85 23.42 -8.88 10.66
C LYS B 85 22.02 -8.33 10.89
N THR B 86 21.92 -7.29 11.71
CA THR B 86 20.64 -6.58 11.91
C THR B 86 20.83 -5.07 11.86
N ASP B 87 19.86 -4.40 11.26
CA ASP B 87 19.70 -2.96 11.38
C ASP B 87 18.26 -2.70 11.79
N PHE B 88 17.93 -3.17 12.99
CA PHE B 88 16.59 -3.10 13.56
C PHE B 88 15.54 -3.86 12.73
N TYR B 89 14.84 -3.16 11.85
CA TYR B 89 13.74 -3.74 11.07
C TYR B 89 14.19 -4.36 9.74
N ARG B 90 15.47 -4.21 9.44
CA ARG B 90 16.01 -4.66 8.16
C ARG B 90 17.42 -5.22 8.35
N SER B 91 17.95 -5.83 7.29
CA SER B 91 19.26 -6.49 7.34
C SER B 91 20.43 -5.50 7.23
N GLY B 92 20.16 -4.33 6.67
CA GLY B 92 21.18 -3.30 6.49
C GLY B 92 20.63 -2.12 5.74
N THR B 93 21.51 -1.19 5.38
CA THR B 93 21.10 0.00 4.63
C THR B 93 20.60 -0.42 3.24
N ILE B 94 19.95 0.51 2.56
CA ILE B 94 19.49 0.28 1.19
C ILE B 94 20.65 -0.17 0.30
N LYS B 95 21.76 0.58 0.36
CA LYS B 95 22.92 0.28 -0.47
C LYS B 95 23.62 -1.03 -0.08
N GLU B 96 23.68 -1.32 1.22
CA GLU B 96 24.23 -2.59 1.71
C GLU B 96 23.44 -3.79 1.16
N ARG B 97 22.12 -3.65 1.14
CA ARG B 97 21.24 -4.72 0.66
C ARG B 97 21.38 -4.94 -0.85
N ALA B 98 21.47 -3.84 -1.61
CA ALA B 98 21.71 -3.93 -3.05
C ALA B 98 23.07 -4.59 -3.32
N GLN B 99 24.08 -4.20 -2.56
CA GLN B 99 25.42 -4.78 -2.67
C GLN B 99 25.41 -6.29 -2.39
N GLU B 100 24.70 -6.71 -1.35
CA GLU B 100 24.59 -8.13 -1.01
C GLU B 100 24.04 -8.92 -2.20
N PHE B 101 22.97 -8.42 -2.81
CA PHE B 101 22.36 -9.06 -3.97
C PHE B 101 23.31 -9.07 -5.17
N ASN B 102 23.90 -7.92 -5.50
CA ASN B 102 24.83 -7.80 -6.63
C ASN B 102 26.01 -8.77 -6.53
N GLU B 103 26.54 -8.95 -5.33
CA GLU B 103 27.68 -9.85 -5.12
C GLU B 103 27.36 -11.31 -5.46
N LEU B 104 26.11 -11.72 -5.25
CA LEU B 104 25.66 -13.05 -5.65
C LEU B 104 25.60 -13.17 -7.17
N VAL B 105 25.12 -12.10 -7.83
CA VAL B 105 25.09 -12.05 -9.29
C VAL B 105 26.50 -12.18 -9.88
N TYR B 106 27.49 -11.56 -9.22
CA TYR B 106 28.88 -11.57 -9.69
C TYR B 106 29.59 -12.91 -9.51
N ASN B 107 29.00 -13.81 -8.73
CA ASN B 107 29.61 -15.10 -8.41
C ASN B 107 29.27 -16.17 -9.46
N PRO B 108 30.28 -16.61 -10.24
CA PRO B 108 30.06 -17.54 -11.35
C PRO B 108 29.64 -18.95 -10.92
N ASP B 109 29.88 -19.29 -9.66
CA ASP B 109 29.53 -20.59 -9.11
C ASP B 109 28.04 -20.72 -8.78
N ILE B 110 27.36 -19.59 -8.62
CA ILE B 110 25.96 -19.60 -8.19
C ILE B 110 25.00 -19.78 -9.35
N THR B 111 24.13 -20.79 -9.24
CA THR B 111 23.12 -21.09 -10.26
C THR B 111 21.79 -20.46 -9.87
N CYS B 112 21.53 -20.38 -8.57
CA CYS B 112 20.26 -19.91 -8.05
C CYS B 112 20.47 -18.91 -6.92
N ILE B 113 19.82 -17.75 -7.04
CA ILE B 113 19.84 -16.71 -6.01
C ILE B 113 18.47 -16.71 -5.30
N MET B 114 18.47 -17.08 -4.02
CA MET B 114 17.24 -17.32 -3.28
C MET B 114 17.08 -16.33 -2.13
N SER B 115 15.90 -15.73 -2.01
CA SER B 115 15.58 -14.87 -0.88
C SER B 115 15.55 -15.69 0.41
N THR B 116 16.04 -15.10 1.51
CA THR B 116 15.91 -15.74 2.83
C THR B 116 14.48 -15.58 3.35
N ILE B 117 13.94 -14.37 3.21
CA ILE B 117 12.61 -14.01 3.68
C ILE B 117 12.22 -12.66 3.09
N GLY B 118 10.94 -12.30 3.23
CA GLY B 118 10.44 -11.02 2.79
C GLY B 118 10.56 -9.92 3.83
N GLY B 119 9.49 -9.16 3.99
CA GLY B 119 9.48 -7.99 4.87
C GLY B 119 8.65 -6.89 4.24
N ASP B 120 9.32 -5.77 3.95
CA ASP B 120 8.65 -4.56 3.46
C ASP B 120 9.50 -3.74 2.50
N ASN B 121 10.79 -4.02 2.43
CA ASN B 121 11.73 -3.01 1.95
C ASN B 121 12.61 -3.33 0.73
N SER B 122 12.30 -4.40 0.01
CA SER B 122 13.12 -4.76 -1.15
C SER B 122 13.00 -3.75 -2.31
N ASN B 123 11.86 -3.05 -2.38
CA ASN B 123 11.69 -2.03 -3.43
C ASN B 123 12.76 -0.91 -3.39
N SER B 124 13.29 -0.65 -2.21
CA SER B 124 14.37 0.32 -2.03
C SER B 124 15.62 0.00 -2.86
N LEU B 125 15.86 -1.29 -3.10
CA LEU B 125 17.08 -1.75 -3.76
C LEU B 125 17.11 -1.47 -5.26
N LEU B 126 15.94 -1.25 -5.86
CA LEU B 126 15.82 -1.26 -7.33
C LEU B 126 16.71 -0.28 -8.11
N PRO B 127 16.92 0.95 -7.59
CA PRO B 127 17.83 1.84 -8.34
C PRO B 127 19.31 1.40 -8.33
N PHE B 128 19.64 0.44 -7.49
CA PHE B 128 21.03 0.10 -7.20
C PHE B 128 21.48 -1.30 -7.65
N LEU B 129 20.56 -2.08 -8.21
CA LEU B 129 20.91 -3.40 -8.73
C LEU B 129 21.70 -3.29 -10.02
N ASP B 130 22.64 -4.22 -10.21
CA ASP B 130 23.46 -4.23 -11.41
C ASP B 130 22.76 -5.01 -12.52
N TYR B 131 21.87 -4.33 -13.25
CA TYR B 131 21.05 -4.97 -14.27
C TYR B 131 21.87 -5.49 -15.44
N ASP B 132 22.94 -4.78 -15.79
CA ASP B 132 23.85 -5.24 -16.84
C ASP B 132 24.50 -6.57 -16.45
N ALA B 133 24.88 -6.70 -15.19
CA ALA B 133 25.48 -7.95 -14.69
C ALA B 133 24.47 -9.09 -14.67
N ILE B 134 23.22 -8.76 -14.36
CA ILE B 134 22.12 -9.74 -14.37
C ILE B 134 21.90 -10.27 -15.80
N ILE B 135 21.92 -9.36 -16.77
CA ILE B 135 21.78 -9.73 -18.18
C ILE B 135 22.96 -10.60 -18.64
N ALA B 136 24.17 -10.20 -18.25
CA ALA B 136 25.39 -10.93 -18.65
C ALA B 136 25.52 -12.28 -17.97
N ASN B 137 24.94 -12.40 -16.78
CA ASN B 137 25.05 -13.60 -15.96
C ASN B 137 23.68 -14.04 -15.43
N PRO B 138 22.76 -14.46 -16.33
CA PRO B 138 21.42 -14.86 -15.90
C PRO B 138 21.45 -16.03 -14.93
N LYS B 139 20.72 -15.89 -13.82
CA LYS B 139 20.61 -16.92 -12.81
C LYS B 139 19.14 -17.09 -12.46
N ILE B 140 18.82 -18.19 -11.79
CA ILE B 140 17.48 -18.40 -11.26
C ILE B 140 17.32 -17.51 -10.03
N ILE B 141 16.40 -16.55 -10.12
CA ILE B 141 16.12 -15.66 -8.99
C ILE B 141 14.75 -16.03 -8.44
N ILE B 142 14.71 -16.38 -7.15
CA ILE B 142 13.53 -16.98 -6.56
C ILE B 142 13.23 -16.43 -5.16
N GLY B 143 11.94 -16.20 -4.90
CA GLY B 143 11.45 -15.76 -3.61
C GLY B 143 9.99 -15.39 -3.75
N TYR B 144 9.44 -14.76 -2.73
CA TYR B 144 8.04 -14.32 -2.80
C TYR B 144 7.77 -13.16 -1.86
N ALA B 145 6.49 -12.79 -1.74
CA ALA B 145 6.04 -11.75 -0.83
C ALA B 145 6.74 -10.41 -1.14
N ASP B 146 7.38 -9.80 -0.15
CA ASP B 146 8.07 -8.54 -0.41
C ASP B 146 9.09 -8.62 -1.55
N THR B 147 9.66 -9.80 -1.76
CA THR B 147 10.68 -9.97 -2.80
C THR B 147 10.10 -9.81 -4.21
N THR B 148 8.77 -9.81 -4.29
CA THR B 148 8.06 -9.44 -5.52
C THR B 148 8.66 -8.20 -6.18
N ALA B 149 9.02 -7.19 -5.37
CA ALA B 149 9.59 -5.96 -5.92
C ALA B 149 10.83 -6.23 -6.78
N LEU B 150 11.67 -7.15 -6.33
CA LEU B 150 12.87 -7.55 -7.09
C LEU B 150 12.52 -8.42 -8.29
N LEU B 151 11.64 -9.40 -8.08
CA LEU B 151 11.23 -10.32 -9.14
C LEU B 151 10.63 -9.57 -10.33
N ALA B 152 9.66 -8.69 -10.03
CA ALA B 152 9.00 -7.89 -11.07
C ALA B 152 9.94 -6.83 -11.64
N GLY B 153 10.70 -6.17 -10.76
CA GLY B 153 11.63 -5.12 -11.16
C GLY B 153 12.72 -5.61 -12.11
N ILE B 154 13.32 -6.75 -11.77
CA ILE B 154 14.35 -7.36 -12.62
C ILE B 154 13.77 -7.75 -13.98
N TYR B 155 12.58 -8.35 -13.96
CA TYR B 155 11.89 -8.70 -15.20
C TYR B 155 11.63 -7.46 -16.06
N ALA B 156 11.16 -6.39 -15.43
CA ALA B 156 10.87 -5.15 -16.15
C ALA B 156 12.12 -4.59 -16.82
N LYS B 157 13.24 -4.65 -16.11
CA LYS B 157 14.50 -4.08 -16.59
C LYS B 157 15.27 -4.95 -17.57
N THR B 158 15.15 -6.27 -17.45
CA THR B 158 16.04 -7.19 -18.16
C THR B 158 15.34 -8.23 -19.03
N GLY B 159 14.06 -8.47 -18.75
CA GLY B 159 13.31 -9.52 -19.43
C GLY B 159 13.60 -10.91 -18.91
N LEU B 160 14.41 -11.00 -17.86
CA LEU B 160 14.75 -12.28 -17.24
C LEU B 160 13.51 -12.90 -16.59
N ILE B 161 13.29 -14.19 -16.87
CA ILE B 161 12.21 -14.92 -16.24
C ILE B 161 12.65 -15.31 -14.84
N THR B 162 12.00 -14.69 -13.86
CA THR B 162 12.26 -14.95 -12.44
C THR B 162 11.13 -15.80 -11.88
N PHE B 163 11.26 -16.23 -10.63
CA PHE B 163 10.39 -17.25 -10.08
C PHE B 163 9.73 -16.84 -8.78
N TYR B 164 8.40 -16.97 -8.75
CA TYR B 164 7.64 -16.82 -7.52
C TYR B 164 7.64 -18.18 -6.86
N GLY B 165 8.33 -18.28 -5.73
CA GLY B 165 8.61 -19.57 -5.15
C GLY B 165 9.30 -19.47 -3.81
N PRO B 166 9.80 -20.61 -3.31
CA PRO B 166 10.38 -20.75 -1.99
C PRO B 166 11.41 -19.71 -1.62
N ALA B 167 11.25 -19.17 -0.40
CA ALA B 167 12.28 -18.41 0.28
C ALA B 167 12.85 -19.33 1.35
N LEU B 168 14.15 -19.23 1.60
CA LEU B 168 14.86 -20.20 2.42
C LEU B 168 14.25 -20.44 3.81
N ILE B 169 13.95 -19.36 4.52
CA ILE B 169 13.47 -19.46 5.90
C ILE B 169 12.00 -19.89 6.02
N PRO B 170 11.06 -19.12 5.44
CA PRO B 170 9.67 -19.56 5.61
C PRO B 170 9.36 -20.87 4.86
N SER B 171 9.92 -21.05 3.66
CA SER B 171 9.54 -22.21 2.86
C SER B 171 10.29 -23.50 3.22
N PHE B 172 11.62 -23.43 3.31
CA PHE B 172 12.41 -24.63 3.56
C PHE B 172 12.70 -24.90 5.03
N GLY B 173 12.36 -23.93 5.88
CA GLY B 173 12.43 -24.12 7.34
C GLY B 173 11.13 -24.63 7.90
N GLU B 174 10.13 -24.78 7.05
CA GLU B 174 8.85 -25.39 7.42
C GLU B 174 9.08 -26.84 7.84
N HIS B 175 8.44 -27.25 8.93
CA HIS B 175 8.52 -28.64 9.38
C HIS B 175 7.86 -29.60 8.40
N PRO B 176 8.33 -30.86 8.36
CA PRO B 176 7.58 -31.91 7.66
C PRO B 176 6.16 -31.98 8.24
N PRO B 177 5.17 -32.42 7.44
CA PRO B 177 5.31 -33.00 6.10
C PRO B 177 5.20 -32.00 4.95
N LEU B 178 4.81 -30.76 5.24
CA LEU B 178 4.48 -29.82 4.17
C LEU B 178 5.69 -29.35 3.35
N VAL B 179 6.86 -29.27 4.00
CA VAL B 179 8.08 -28.84 3.33
C VAL B 179 8.48 -29.74 2.16
N ASP B 180 8.16 -31.03 2.28
CA ASP B 180 8.52 -32.00 1.25
C ASP B 180 7.75 -31.75 -0.05
N ILE B 181 6.50 -31.31 0.08
CA ILE B 181 5.66 -31.00 -1.09
C ILE B 181 6.16 -29.73 -1.78
N THR B 182 6.50 -28.72 -0.98
CA THR B 182 7.14 -27.51 -1.47
C THR B 182 8.41 -27.84 -2.24
N TYR B 183 9.26 -28.68 -1.65
CA TYR B 183 10.49 -29.08 -2.30
C TYR B 183 10.26 -29.84 -3.61
N GLU B 184 9.31 -30.76 -3.60
CA GLU B 184 8.96 -31.54 -4.79
C GLU B 184 8.65 -30.61 -5.98
N SER B 185 7.89 -29.55 -5.72
CA SER B 185 7.57 -28.59 -6.79
C SER B 185 8.81 -27.80 -7.23
N PHE B 186 9.56 -27.30 -6.25
CA PHE B 186 10.79 -26.55 -6.48
C PHE B 186 11.73 -27.32 -7.40
N ILE B 187 12.03 -28.56 -7.03
CA ILE B 187 12.98 -29.37 -7.78
C ILE B 187 12.45 -29.78 -9.16
N LYS B 188 11.16 -30.07 -9.24
CA LYS B 188 10.54 -30.45 -10.51
C LYS B 188 10.57 -29.30 -11.52
N ILE B 189 10.10 -28.14 -11.10
CA ILE B 189 10.02 -26.97 -11.99
C ILE B 189 11.39 -26.56 -12.51
N LEU B 190 12.38 -26.55 -11.61
CA LEU B 190 13.69 -25.99 -11.93
C LEU B 190 14.69 -26.95 -12.57
N THR B 191 14.44 -28.27 -12.48
CA THR B 191 15.36 -29.25 -13.06
C THR B 191 14.80 -30.01 -14.27
N ARG B 192 13.48 -29.98 -14.44
CA ARG B 192 12.82 -30.76 -15.50
C ARG B 192 13.28 -30.35 -16.90
N LYS B 193 13.25 -31.31 -17.82
CA LYS B 193 13.51 -31.02 -19.23
C LYS B 193 12.46 -30.04 -19.76
N GLN B 194 12.92 -29.07 -20.53
CA GLN B 194 12.06 -28.06 -21.12
C GLN B 194 11.48 -28.56 -22.44
N SER B 195 10.58 -29.53 -22.34
CA SER B 195 9.93 -30.12 -23.50
C SER B 195 8.47 -30.40 -23.18
N GLY B 196 7.58 -29.87 -24.01
CA GLY B 196 6.15 -29.99 -23.80
C GLY B 196 5.69 -29.16 -22.61
N ILE B 197 4.39 -29.11 -22.41
CA ILE B 197 3.81 -28.32 -21.32
C ILE B 197 4.05 -29.03 -19.99
N TYR B 198 4.07 -28.25 -18.92
CA TYR B 198 4.10 -28.80 -17.58
C TYR B 198 2.77 -28.48 -16.89
N THR B 199 2.09 -29.52 -16.43
CA THR B 199 0.83 -29.34 -15.71
C THR B 199 1.06 -29.53 -14.21
N TYR B 200 0.65 -28.53 -13.42
CA TYR B 200 0.84 -28.54 -11.98
C TYR B 200 0.08 -29.65 -11.30
N THR B 201 0.73 -30.25 -10.29
CA THR B 201 0.06 -31.14 -9.37
C THR B 201 -0.69 -30.28 -8.36
N LEU B 202 -1.75 -30.84 -7.78
CA LEU B 202 -2.53 -30.15 -6.78
C LEU B 202 -2.19 -30.73 -5.41
N PRO B 203 -1.63 -29.91 -4.49
CA PRO B 203 -1.37 -30.42 -3.15
C PRO B 203 -2.65 -30.99 -2.55
N GLU B 204 -2.57 -32.18 -1.97
CA GLU B 204 -3.73 -32.85 -1.39
C GLU B 204 -4.21 -32.08 -0.15
N LYS B 205 -3.27 -31.60 0.63
CA LYS B 205 -3.58 -30.86 1.85
C LYS B 205 -2.74 -29.59 1.94
N TRP B 206 -3.26 -28.61 2.66
CA TRP B 206 -2.56 -27.34 2.87
C TRP B 206 -2.88 -26.77 4.25
N SER B 207 -2.09 -25.79 4.68
CA SER B 207 -2.37 -25.07 5.92
C SER B 207 -1.87 -23.64 5.85
N ASP B 208 -2.45 -22.78 6.68
CA ASP B 208 -2.01 -21.40 6.83
C ASP B 208 -1.81 -21.01 8.29
N GLU B 209 -1.84 -22.00 9.18
CA GLU B 209 -1.73 -21.72 10.61
C GLU B 209 -0.41 -21.07 11.00
N SER B 210 -0.51 -20.05 11.85
CA SER B 210 0.65 -19.33 12.36
C SER B 210 1.17 -19.98 13.64
N ILE B 211 1.67 -21.20 13.51
CA ILE B 211 2.33 -21.92 14.60
C ILE B 211 3.60 -22.57 14.08
N ASN B 212 4.38 -23.16 14.98
CA ASN B 212 5.59 -23.93 14.63
C ASN B 212 6.60 -23.13 13.80
N TRP B 213 6.79 -21.87 14.18
CA TRP B 213 7.62 -20.96 13.41
C TRP B 213 9.13 -21.15 13.62
N ASN B 214 9.60 -20.93 14.84
CA ASN B 214 11.05 -20.80 15.09
C ASN B 214 11.55 -21.59 16.30
N GLU B 215 11.15 -22.85 16.39
CA GLU B 215 11.62 -23.75 17.45
C GLU B 215 12.06 -25.09 16.87
N ASN B 216 12.83 -25.85 17.66
CA ASN B 216 13.30 -27.15 17.24
C ASN B 216 12.16 -28.12 16.94
N LYS B 217 11.14 -28.10 17.78
CA LYS B 217 10.02 -29.02 17.69
C LYS B 217 8.73 -28.27 17.43
N ILE B 218 7.81 -28.92 16.71
CA ILE B 218 6.46 -28.40 16.57
C ILE B 218 5.80 -28.36 17.94
N LEU B 219 4.92 -27.38 18.15
CA LEU B 219 4.06 -27.36 19.32
C LEU B 219 3.04 -28.49 19.19
N ARG B 220 2.46 -28.59 17.99
CA ARG B 220 1.48 -29.60 17.64
C ARG B 220 1.35 -29.54 16.12
N PRO B 221 0.81 -30.59 15.48
CA PRO B 221 0.69 -30.55 14.03
C PRO B 221 -0.28 -29.47 13.57
N LYS B 222 0.02 -28.84 12.43
CA LYS B 222 -0.91 -27.87 11.85
C LYS B 222 -2.18 -28.56 11.38
N LYS B 223 -3.28 -27.82 11.40
CA LYS B 223 -4.52 -28.25 10.76
C LYS B 223 -4.24 -28.44 9.28
N LEU B 224 -4.66 -29.57 8.73
CA LEU B 224 -4.48 -29.83 7.31
C LEU B 224 -5.84 -29.78 6.61
N TYR B 225 -5.98 -28.81 5.71
CA TYR B 225 -7.22 -28.62 4.98
C TYR B 225 -7.20 -29.34 3.65
N LYS B 226 -8.36 -29.89 3.27
CA LYS B 226 -8.58 -30.37 1.92
C LYS B 226 -8.40 -29.19 0.97
N ASN B 227 -7.83 -29.45 -0.20
CA ASN B 227 -7.62 -28.38 -1.16
C ASN B 227 -8.95 -27.92 -1.73
N ASN B 228 -9.27 -26.65 -1.49
CA ASN B 228 -10.56 -26.08 -1.88
C ASN B 228 -10.43 -25.07 -3.03
N CYS B 229 -9.38 -25.22 -3.82
CA CYS B 229 -9.17 -24.44 -5.03
C CYS B 229 -10.40 -24.53 -5.92
N ALA B 230 -10.81 -23.39 -6.49
CA ALA B 230 -12.00 -23.35 -7.33
C ALA B 230 -11.68 -22.71 -8.68
N PHE B 231 -12.24 -23.28 -9.74
CA PHE B 231 -12.06 -22.76 -11.09
C PHE B 231 -13.37 -22.10 -11.55
N TYR B 232 -13.43 -20.77 -11.46
CA TYR B 232 -14.63 -20.03 -11.86
C TYR B 232 -14.52 -19.60 -13.32
N GLY B 233 -15.27 -20.28 -14.18
CA GLY B 233 -15.24 -20.00 -15.62
C GLY B 233 -15.29 -21.27 -16.43
N SER B 234 -15.17 -21.14 -17.75
CA SER B 234 -15.17 -22.29 -18.64
C SER B 234 -14.13 -22.14 -19.75
N GLY B 235 -13.81 -23.27 -20.39
CA GLY B 235 -12.84 -23.29 -21.48
C GLY B 235 -11.41 -23.14 -21.00
N LYS B 236 -10.54 -22.78 -21.93
CA LYS B 236 -9.11 -22.62 -21.65
C LYS B 236 -8.67 -21.20 -21.91
N VAL B 237 -7.88 -20.65 -20.98
CA VAL B 237 -7.30 -19.35 -21.15
C VAL B 237 -5.77 -19.49 -21.12
N GLU B 238 -5.12 -19.02 -22.17
CA GLU B 238 -3.66 -19.04 -22.24
C GLU B 238 -3.12 -17.62 -22.44
N GLY B 239 -2.17 -17.24 -21.58
CA GLY B 239 -1.56 -15.92 -21.65
C GLY B 239 -0.37 -15.78 -20.71
N ARG B 240 0.44 -14.76 -20.96
CA ARG B 240 1.61 -14.46 -20.13
C ARG B 240 1.17 -14.14 -18.70
N VAL B 241 1.77 -14.82 -17.72
CA VAL B 241 1.46 -14.54 -16.32
C VAL B 241 2.33 -13.40 -15.78
N ILE B 242 1.69 -12.46 -15.09
CA ILE B 242 2.36 -11.30 -14.50
C ILE B 242 1.78 -11.04 -13.12
N GLY B 243 2.63 -10.65 -12.18
CA GLY B 243 2.16 -10.19 -10.87
C GLY B 243 3.06 -10.61 -9.72
N GLY B 244 2.42 -11.10 -8.66
CA GLY B 244 3.12 -11.49 -7.44
C GLY B 244 2.32 -11.05 -6.23
N ASN B 245 3.01 -10.67 -5.16
CA ASN B 245 2.34 -10.17 -3.97
C ASN B 245 1.76 -8.79 -4.25
N LEU B 246 0.43 -8.69 -4.16
CA LEU B 246 -0.27 -7.47 -4.58
C LEU B 246 0.03 -6.26 -3.69
N ALA B 247 0.04 -6.45 -2.37
CA ALA B 247 0.44 -5.40 -1.44
C ALA B 247 1.82 -4.85 -1.80
N THR B 248 2.73 -5.76 -2.18
CA THR B 248 4.10 -5.38 -2.51
C THR B 248 4.17 -4.62 -3.84
N LEU B 249 3.31 -4.97 -4.79
CA LEU B 249 3.29 -4.28 -6.08
C LEU B 249 3.01 -2.78 -5.95
N THR B 250 2.30 -2.37 -4.89
CA THR B 250 2.05 -0.94 -4.65
C THR B 250 3.36 -0.15 -4.46
N GLY B 251 4.42 -0.85 -4.05
CA GLY B 251 5.72 -0.21 -3.82
C GLY B 251 6.51 0.11 -5.07
N ILE B 252 6.13 -0.50 -6.20
CA ILE B 252 6.81 -0.27 -7.48
C ILE B 252 5.86 0.28 -8.54
N TRP B 253 4.58 0.37 -8.18
CA TRP B 253 3.52 0.75 -9.12
C TRP B 253 3.78 2.12 -9.75
N GLY B 254 3.53 2.22 -11.06
CA GLY B 254 3.72 3.47 -11.79
C GLY B 254 5.14 3.76 -12.24
N SER B 255 6.10 3.02 -11.68
CA SER B 255 7.51 3.20 -11.99
C SER B 255 7.95 2.33 -13.18
N GLU B 256 9.17 2.59 -13.66
CA GLU B 256 9.78 1.80 -14.72
C GLU B 256 10.08 0.36 -14.30
N TRP B 257 10.00 0.10 -12.99
CA TRP B 257 10.21 -1.26 -12.46
C TRP B 257 8.94 -2.11 -12.39
N MET B 258 7.77 -1.50 -12.62
CA MET B 258 6.53 -2.25 -12.72
C MET B 258 6.32 -2.73 -14.16
N PRO B 259 6.33 -4.06 -14.38
CA PRO B 259 6.09 -4.56 -15.73
C PRO B 259 4.72 -4.12 -16.24
N GLU B 260 4.68 -3.65 -17.49
CA GLU B 260 3.43 -3.28 -18.12
C GLU B 260 2.54 -4.51 -18.26
N ILE B 261 1.29 -4.38 -17.79
CA ILE B 261 0.28 -5.41 -17.98
C ILE B 261 -0.39 -5.17 -19.33
N ARG B 262 -0.51 -6.22 -20.12
CA ARG B 262 -0.99 -6.11 -21.49
C ARG B 262 -2.26 -6.91 -21.73
N ASN B 263 -3.00 -6.54 -22.77
CA ASN B 263 -4.16 -7.32 -23.20
C ASN B 263 -3.80 -8.80 -23.32
N GLY B 264 -4.60 -9.65 -22.69
CA GLY B 264 -4.42 -11.10 -22.80
C GLY B 264 -3.58 -11.73 -21.71
N ASP B 265 -2.95 -10.90 -20.87
CA ASP B 265 -2.17 -11.40 -19.73
C ASP B 265 -3.06 -12.15 -18.74
N ILE B 266 -2.46 -13.09 -18.01
CA ILE B 266 -3.11 -13.68 -16.85
C ILE B 266 -2.52 -13.00 -15.63
N LEU B 267 -3.36 -12.37 -14.81
CA LEU B 267 -2.89 -11.71 -13.60
C LEU B 267 -2.76 -12.71 -12.47
N PHE B 268 -1.57 -12.78 -11.86
CA PHE B 268 -1.36 -13.61 -10.68
C PHE B 268 -1.12 -12.73 -9.47
N ILE B 269 -1.98 -12.87 -8.46
CA ILE B 269 -1.84 -12.10 -7.23
C ILE B 269 -2.10 -12.93 -5.99
N GLU B 270 -1.31 -12.68 -4.96
CA GLU B 270 -1.55 -13.25 -3.64
C GLU B 270 -1.29 -12.22 -2.57
N ASP B 271 -1.99 -12.34 -1.44
CA ASP B 271 -1.70 -11.51 -0.29
C ASP B 271 -1.70 -12.34 0.98
N SER B 272 -1.20 -11.77 2.06
CA SER B 272 -1.03 -12.47 3.32
C SER B 272 -1.57 -11.67 4.50
N ARG B 273 -2.36 -12.33 5.34
CA ARG B 273 -2.83 -11.77 6.63
C ARG B 273 -3.49 -10.41 6.51
N ALA B 274 -4.13 -10.15 5.37
CA ALA B 274 -4.76 -8.86 5.15
C ALA B 274 -6.21 -8.86 5.63
N SER B 275 -6.68 -7.68 6.03
CA SER B 275 -8.09 -7.50 6.32
C SER B 275 -8.86 -7.44 5.00
N ILE B 276 -10.13 -7.76 5.07
CA ILE B 276 -11.05 -7.61 3.95
C ILE B 276 -11.04 -6.17 3.42
N ALA B 277 -10.94 -5.20 4.34
CA ALA B 277 -10.81 -3.78 3.98
C ALA B 277 -9.61 -3.53 3.06
N THR B 278 -8.46 -4.11 3.42
CA THR B 278 -7.24 -3.97 2.61
C THR B 278 -7.42 -4.64 1.25
N VAL B 279 -8.03 -5.82 1.25
CA VAL B 279 -8.25 -6.57 0.01
C VAL B 279 -9.14 -5.82 -0.96
N GLU B 280 -10.23 -5.22 -0.46
CA GLU B 280 -11.06 -4.36 -1.31
C GLU B 280 -10.25 -3.21 -1.90
N ARG B 281 -9.45 -2.56 -1.05
CA ARG B 281 -8.62 -1.44 -1.48
C ARG B 281 -7.68 -1.82 -2.62
N LEU B 282 -7.01 -2.96 -2.48
CA LEU B 282 -6.05 -3.41 -3.48
C LEU B 282 -6.72 -3.86 -4.78
N PHE B 283 -7.88 -4.53 -4.66
CA PHE B 283 -8.65 -4.93 -5.83
C PHE B 283 -9.14 -3.71 -6.60
N SER B 284 -9.64 -2.71 -5.87
CA SER B 284 -10.09 -1.46 -6.49
C SER B 284 -8.93 -0.69 -7.13
N MET B 285 -7.74 -0.74 -6.52
CA MET B 285 -6.55 -0.18 -7.14
C MET B 285 -6.35 -0.74 -8.54
N LEU B 286 -6.41 -2.06 -8.65
CA LEU B 286 -6.28 -2.74 -9.95
C LEU B 286 -7.36 -2.28 -10.93
N LYS B 287 -8.59 -2.20 -10.45
CA LYS B 287 -9.73 -1.75 -11.27
C LYS B 287 -9.46 -0.36 -11.84
N LEU B 288 -9.06 0.56 -10.97
CA LEU B 288 -8.81 1.95 -11.38
C LEU B 288 -7.72 2.02 -12.43
N ASN B 289 -6.78 1.08 -12.37
CA ASN B 289 -5.66 1.03 -13.31
C ASN B 289 -5.97 0.31 -14.61
N ARG B 290 -7.26 -0.01 -14.82
CA ARG B 290 -7.76 -0.67 -16.02
C ARG B 290 -7.22 -2.09 -16.21
N VAL B 291 -6.68 -2.68 -15.15
CA VAL B 291 -6.12 -4.03 -15.23
C VAL B 291 -7.19 -5.04 -15.65
N PHE B 292 -8.41 -4.86 -15.16
CA PHE B 292 -9.50 -5.78 -15.43
C PHE B 292 -10.11 -5.59 -16.83
N ASP B 293 -9.68 -4.54 -17.53
CA ASP B 293 -10.03 -4.34 -18.93
C ASP B 293 -9.06 -5.08 -19.86
N LYS B 294 -7.93 -5.53 -19.30
CA LYS B 294 -6.85 -6.12 -20.09
C LYS B 294 -6.70 -7.63 -19.92
N VAL B 295 -6.76 -8.10 -18.68
CA VAL B 295 -6.42 -9.49 -18.40
C VAL B 295 -7.50 -10.47 -18.86
N SER B 296 -7.05 -11.66 -19.28
CA SER B 296 -7.94 -12.72 -19.75
C SER B 296 -8.31 -13.71 -18.65
N ALA B 297 -7.54 -13.71 -17.57
CA ALA B 297 -7.83 -14.52 -16.39
C ALA B 297 -7.11 -13.96 -15.17
N ILE B 298 -7.58 -14.34 -13.98
CA ILE B 298 -6.94 -13.95 -12.74
C ILE B 298 -6.66 -15.22 -11.93
N ILE B 299 -5.45 -15.31 -11.40
CA ILE B 299 -5.10 -16.36 -10.45
C ILE B 299 -4.99 -15.72 -9.07
N LEU B 300 -5.79 -16.21 -8.13
CA LEU B 300 -5.69 -15.78 -6.75
C LEU B 300 -4.96 -16.85 -5.95
N GLY B 301 -3.79 -16.50 -5.42
CA GLY B 301 -3.08 -17.40 -4.51
C GLY B 301 -3.91 -17.53 -3.24
N LYS B 302 -3.83 -18.69 -2.58
CA LYS B 302 -4.52 -18.86 -1.31
C LYS B 302 -4.07 -17.75 -0.35
N HIS B 303 -5.03 -17.08 0.27
CA HIS B 303 -4.75 -15.97 1.19
C HIS B 303 -4.52 -16.48 2.60
N GLU B 304 -3.29 -16.35 3.10
CA GLU B 304 -2.93 -16.81 4.43
C GLU B 304 -3.66 -16.02 5.51
N LEU B 305 -4.46 -16.71 6.32
CA LEU B 305 -5.15 -16.11 7.45
C LEU B 305 -5.85 -14.80 7.11
N PHE B 306 -6.69 -14.85 6.08
CA PHE B 306 -7.53 -13.72 5.68
C PHE B 306 -8.47 -13.34 6.81
N ASP B 307 -8.56 -12.05 7.08
CA ASP B 307 -9.44 -11.52 8.13
C ASP B 307 -10.68 -10.89 7.50
N CYS B 308 -11.80 -11.61 7.56
CA CYS B 308 -13.05 -11.20 6.93
C CYS B 308 -13.87 -10.19 7.75
N ALA B 309 -13.31 -9.78 8.89
CA ALA B 309 -13.98 -8.84 9.81
C ALA B 309 -15.36 -9.32 10.23
N GLY B 310 -15.53 -10.63 10.29
CA GLY B 310 -16.80 -11.25 10.71
C GLY B 310 -17.87 -11.32 9.63
N SER B 311 -17.55 -10.86 8.42
CA SER B 311 -18.49 -10.86 7.30
C SER B 311 -18.65 -12.25 6.66
N LYS B 312 -17.69 -13.13 6.95
CA LYS B 312 -17.62 -14.49 6.38
C LYS B 312 -17.49 -14.51 4.85
N ARG B 313 -17.09 -13.37 4.29
CA ARG B 313 -16.84 -13.25 2.85
C ARG B 313 -15.41 -13.66 2.53
N ARG B 314 -15.22 -14.20 1.33
CA ARG B 314 -13.89 -14.58 0.86
C ARG B 314 -13.41 -13.51 -0.13
N PRO B 315 -12.09 -13.46 -0.39
CA PRO B 315 -11.58 -12.50 -1.37
C PRO B 315 -12.26 -12.54 -2.74
N TYR B 316 -12.67 -13.72 -3.21
CA TYR B 316 -13.34 -13.85 -4.51
C TYR B 316 -14.65 -13.05 -4.57
N GLU B 317 -15.41 -13.06 -3.47
CA GLU B 317 -16.66 -12.30 -3.39
C GLU B 317 -16.41 -10.80 -3.47
N VAL B 318 -15.32 -10.34 -2.84
CA VAL B 318 -14.92 -8.95 -2.89
C VAL B 318 -14.49 -8.58 -4.31
N LEU B 319 -13.69 -9.44 -4.94
CA LEU B 319 -13.27 -9.24 -6.33
C LEU B 319 -14.49 -9.10 -7.24
N THR B 320 -15.48 -9.96 -7.03
CA THR B 320 -16.70 -9.97 -7.83
C THR B 320 -17.44 -8.63 -7.73
N GLU B 321 -17.51 -8.07 -6.52
CA GLU B 321 -18.14 -6.74 -6.36
C GLU B 321 -17.37 -5.67 -7.13
N VAL B 322 -16.06 -5.67 -6.95
CA VAL B 322 -15.18 -4.70 -7.61
C VAL B 322 -15.27 -4.79 -9.14
N LEU B 323 -15.35 -6.01 -9.67
CA LEU B 323 -15.43 -6.22 -11.11
C LEU B 323 -16.63 -5.57 -11.79
N ASP B 324 -17.71 -5.38 -11.01
CA ASP B 324 -18.89 -4.65 -11.48
C ASP B 324 -19.42 -5.22 -12.80
N GLY B 325 -19.56 -6.55 -12.84
CA GLY B 325 -20.12 -7.24 -14.00
C GLY B 325 -19.13 -7.64 -15.08
N LYS B 326 -17.87 -7.24 -14.93
CA LYS B 326 -16.83 -7.66 -15.87
C LYS B 326 -16.56 -9.15 -15.68
N GLN B 327 -16.80 -9.92 -16.73
CA GLN B 327 -16.67 -11.37 -16.67
C GLN B 327 -15.24 -11.78 -16.97
N ILE B 328 -14.52 -12.19 -15.92
CA ILE B 328 -13.15 -12.69 -16.05
C ILE B 328 -13.08 -14.02 -15.31
N PRO B 329 -12.59 -15.07 -15.97
CA PRO B 329 -12.44 -16.35 -15.27
C PRO B 329 -11.35 -16.26 -14.21
N VAL B 330 -11.60 -16.90 -13.07
CA VAL B 330 -10.71 -16.79 -11.92
C VAL B 330 -10.37 -18.18 -11.38
N LEU B 331 -9.07 -18.45 -11.27
CA LEU B 331 -8.59 -19.59 -10.52
C LEU B 331 -8.43 -19.09 -9.09
N ASP B 332 -9.33 -19.50 -8.20
CA ASP B 332 -9.31 -19.05 -6.82
C ASP B 332 -8.69 -20.09 -5.91
N GLY B 333 -7.48 -19.81 -5.42
CA GLY B 333 -6.83 -20.68 -4.44
C GLY B 333 -5.65 -21.49 -4.96
N PHE B 334 -4.90 -20.92 -5.89
CA PHE B 334 -3.66 -21.54 -6.37
C PHE B 334 -2.65 -21.60 -5.22
N ASP B 335 -1.95 -22.73 -5.10
CA ASP B 335 -1.01 -22.94 -4.00
C ASP B 335 0.36 -22.34 -4.30
N CYS B 336 0.37 -21.03 -4.54
CA CYS B 336 1.59 -20.28 -4.75
C CYS B 336 1.45 -18.96 -4.00
N SER B 337 1.70 -19.01 -2.71
CA SER B 337 1.42 -17.88 -1.82
C SER B 337 2.13 -18.11 -0.49
N HIS B 338 1.58 -17.52 0.57
CA HIS B 338 2.13 -17.67 1.92
C HIS B 338 1.68 -18.97 2.60
N THR B 339 0.72 -19.68 2.02
CA THR B 339 0.25 -20.94 2.58
C THR B 339 1.23 -22.07 2.28
N HIS B 340 1.18 -23.12 3.10
CA HIS B 340 2.02 -24.31 2.88
C HIS B 340 1.17 -25.49 2.44
N PRO B 341 1.65 -26.26 1.44
CA PRO B 341 2.92 -26.11 0.74
C PRO B 341 2.83 -25.05 -0.35
N MET B 342 3.98 -24.70 -0.93
CA MET B 342 4.05 -23.68 -1.94
C MET B 342 4.67 -24.25 -3.21
N LEU B 343 4.02 -23.97 -4.34
CA LEU B 343 4.52 -24.38 -5.64
C LEU B 343 5.43 -23.28 -6.20
N THR B 344 6.27 -23.65 -7.16
CA THR B 344 7.17 -22.71 -7.82
C THR B 344 6.58 -22.30 -9.17
N LEU B 345 6.51 -20.99 -9.41
CA LEU B 345 5.89 -20.43 -10.61
C LEU B 345 6.82 -19.46 -11.34
N PRO B 346 7.15 -19.76 -12.61
CA PRO B 346 7.88 -18.76 -13.41
C PRO B 346 6.95 -17.60 -13.74
N LEU B 347 7.47 -16.38 -13.66
CA LEU B 347 6.68 -15.19 -13.97
C LEU B 347 7.13 -14.61 -15.30
N GLY B 348 6.18 -14.21 -16.13
CA GLY B 348 6.49 -13.58 -17.41
C GLY B 348 6.47 -14.53 -18.60
N VAL B 349 6.01 -15.75 -18.36
CA VAL B 349 5.83 -16.74 -19.44
C VAL B 349 4.37 -17.18 -19.54
N LYS B 350 4.01 -17.79 -20.67
CA LYS B 350 2.63 -18.22 -20.89
C LYS B 350 2.23 -19.39 -20.02
N LEU B 351 1.07 -19.26 -19.39
CA LEU B 351 0.39 -20.36 -18.74
C LEU B 351 -0.92 -20.64 -19.45
N ALA B 352 -1.41 -21.86 -19.30
CA ALA B 352 -2.75 -22.21 -19.76
C ALA B 352 -3.56 -22.72 -18.58
N ILE B 353 -4.66 -22.04 -18.28
CA ILE B 353 -5.60 -22.51 -17.27
C ILE B 353 -6.78 -23.15 -17.98
N ASP B 354 -7.00 -24.43 -17.70
CA ASP B 354 -8.17 -25.14 -18.21
C ASP B 354 -9.25 -25.15 -17.14
N PHE B 355 -10.27 -24.33 -17.33
CA PHE B 355 -11.33 -24.16 -16.33
C PHE B 355 -12.33 -25.31 -16.31
N ASP B 356 -12.38 -26.07 -17.41
CA ASP B 356 -13.26 -27.23 -17.51
C ASP B 356 -12.63 -28.44 -16.82
N ASN B 357 -11.35 -28.66 -17.10
CA ASN B 357 -10.61 -29.79 -16.54
C ASN B 357 -9.94 -29.49 -15.22
N LYS B 358 -10.06 -28.24 -14.77
CA LYS B 358 -9.57 -27.79 -13.47
C LYS B 358 -8.07 -28.05 -13.31
N ASN B 359 -7.29 -27.54 -14.25
CA ASN B 359 -5.83 -27.60 -14.13
C ASN B 359 -5.13 -26.35 -14.68
N ILE B 360 -3.84 -26.26 -14.38
CA ILE B 360 -3.02 -25.13 -14.80
C ILE B 360 -1.64 -25.63 -15.25
N SER B 361 -1.20 -25.13 -16.41
CA SER B 361 0.02 -25.59 -17.03
C SER B 361 0.92 -24.44 -17.45
N ILE B 362 2.24 -24.68 -17.43
CA ILE B 362 3.20 -23.78 -18.05
C ILE B 362 3.35 -24.23 -19.50
N THR B 363 3.17 -23.32 -20.45
CA THR B 363 3.21 -23.68 -21.87
C THR B 363 4.38 -23.07 -22.65
N GLU B 364 5.18 -22.24 -21.98
CA GLU B 364 6.30 -21.56 -22.61
C GLU B 364 7.60 -21.87 -21.87
N GLN B 365 8.68 -22.08 -22.64
CA GLN B 365 10.00 -22.34 -22.08
C GLN B 365 10.42 -21.22 -21.13
N TYR B 366 10.89 -21.62 -19.94
CA TYR B 366 11.19 -20.66 -18.86
C TYR B 366 12.60 -20.81 -18.29
N LEU B 367 13.33 -21.82 -18.76
CA LEU B 367 14.75 -21.99 -18.48
C LEU B 367 15.44 -22.50 -19.75
N SER B 368 16.75 -22.26 -19.85
CA SER B 368 17.52 -22.66 -21.03
C SER B 368 17.72 -24.17 -21.12
C1 EDO C . -4.52 5.97 7.58
O1 EDO C . -4.43 4.73 8.29
C2 EDO C . -4.83 5.67 6.12
O2 EDO C . -6.11 5.02 6.04
C1 EDO D . 6.01 11.07 7.67
O1 EDO D . 5.85 9.64 7.82
C2 EDO D . 4.69 11.70 7.26
O2 EDO D . 3.75 11.64 8.36
C1 EDO E . -13.74 4.11 14.94
O1 EDO E . -14.15 3.09 15.87
C2 EDO E . -12.85 3.50 13.86
O2 EDO E . -13.51 3.57 12.59
C1 EDO F . -14.77 13.57 -15.80
O1 EDO F . -15.83 12.62 -15.72
C2 EDO F . -15.33 14.98 -15.67
O2 EDO F . -15.96 15.37 -16.89
C1 EDO G . 3.39 -9.73 2.79
O1 EDO G . 2.89 -9.19 4.01
C2 EDO G . 3.93 -8.59 1.94
O2 EDO G . 5.16 -8.10 2.49
C1 EDO H . -5.12 -13.30 -2.94
O1 EDO H . -4.42 -14.04 -1.94
C2 EDO H . -6.54 -13.04 -2.45
O2 EDO H . -6.53 -11.93 -1.54
#